data_5V1D
#
_entry.id   5V1D
#
_cell.length_a   60.750
_cell.length_b   161.547
_cell.length_c   104.780
_cell.angle_alpha   90.00
_cell.angle_beta   106.84
_cell.angle_gamma   90.00
#
_symmetry.space_group_name_H-M   'P 1 21 1'
#
loop_
_entity.id
_entity.type
_entity.pdbx_description
1 polymer 'eIF2AK3 protein'
2 polymer '12-mer peptide'
3 water water
#
loop_
_entity_poly.entity_id
_entity_poly.type
_entity_poly.pdbx_seq_one_letter_code
_entity_poly.pdbx_strand_id
1 'polypeptide(L)'
;EPDIRPCGRSLVIISTLDGRIAALDPENHGKKQWDLDVGSGSLVSSSLSKPEVFGNKMIIPSLDGDLFQWDRDRESMETV
PFTVESLLESSYKFGDDVVLVGGKSLTTYGLSAYSGKVRYICSALGCRQWDNDEMEQEEDILLLQRTQKTVRAVGPRSGN
EKWNFSVGHFELRYIPDMETRAGFIESTLKPSGNKEQSKIISDVEEQEAVMMDTVIKVSVADWKVMAFNKKGGHLEWEYQ
FSTPIASAWLVKDGKVIPISLFDDTSYAPNDGVLEDEEDIVEAARGATENSVYLGMYRGQLYLQSSVRISEKFPTSPKAL
ESVSSE
;
A,B,C,D
2 'polypeptide(L)' ADPQPWRFYAPR E,F,G
#
# COMPACT_ATOMS: atom_id res chain seq x y z
N ARG A 9 -4.46 -22.70 3.57
CA ARG A 9 -5.48 -21.66 3.54
C ARG A 9 -5.60 -21.06 2.15
N SER A 10 -4.46 -20.89 1.48
CA SER A 10 -4.42 -20.26 0.18
C SER A 10 -5.25 -21.05 -0.84
N LEU A 11 -5.49 -20.42 -1.99
CA LEU A 11 -6.33 -21.00 -3.03
C LEU A 11 -5.70 -20.77 -4.40
N VAL A 12 -6.08 -21.63 -5.34
CA VAL A 12 -5.66 -21.56 -6.73
C VAL A 12 -6.91 -21.29 -7.55
N ILE A 13 -6.95 -20.13 -8.20
CA ILE A 13 -8.12 -19.69 -8.96
C ILE A 13 -7.77 -19.73 -10.44
N ILE A 14 -8.62 -20.36 -11.23
CA ILE A 14 -8.38 -20.59 -12.64
C ILE A 14 -9.59 -20.15 -13.43
N SER A 15 -9.35 -19.43 -14.53
CA SER A 15 -10.39 -19.00 -15.44
C SER A 15 -10.37 -19.87 -16.68
N THR A 16 -11.46 -20.60 -16.91
CA THR A 16 -11.57 -21.47 -18.07
C THR A 16 -12.27 -20.74 -19.21
N LEU A 17 -12.09 -21.27 -20.41
CA LEU A 17 -12.77 -20.69 -21.57
C LEU A 17 -14.27 -20.91 -21.53
N ASP A 18 -14.78 -21.75 -20.62
CA ASP A 18 -16.22 -21.80 -20.41
C ASP A 18 -16.75 -20.49 -19.86
N GLY A 19 -15.87 -19.58 -19.46
CA GLY A 19 -16.28 -18.44 -18.68
C GLY A 19 -16.50 -18.77 -17.22
N ARG A 20 -15.91 -19.85 -16.72
CA ARG A 20 -16.14 -20.33 -15.36
C ARG A 20 -14.93 -20.04 -14.47
N ILE A 21 -15.17 -20.14 -13.17
CA ILE A 21 -14.15 -19.91 -12.16
C ILE A 21 -14.18 -21.05 -11.16
N ALA A 22 -13.03 -21.65 -10.90
CA ALA A 22 -12.91 -22.77 -9.98
C ALA A 22 -11.88 -22.46 -8.90
N ALA A 23 -12.14 -22.98 -7.69
CA ALA A 23 -11.26 -22.78 -6.54
C ALA A 23 -10.74 -24.13 -6.08
N LEU A 24 -9.42 -24.29 -6.10
CA LEU A 24 -8.75 -25.53 -5.71
C LEU A 24 -7.80 -25.23 -4.56
N ASP A 25 -7.96 -25.93 -3.45
CA ASP A 25 -7.05 -25.79 -2.33
C ASP A 25 -5.70 -26.42 -2.68
N PRO A 26 -4.63 -25.65 -2.86
CA PRO A 26 -3.33 -26.26 -3.19
C PRO A 26 -2.72 -27.08 -2.06
N GLU A 27 -3.40 -27.20 -0.93
CA GLU A 27 -2.93 -28.03 0.17
C GLU A 27 -3.45 -29.47 0.03
N ASN A 28 -4.76 -29.63 0.04
CA ASN A 28 -5.35 -30.96 -0.05
C ASN A 28 -5.45 -31.41 -1.51
N HIS A 29 -4.32 -31.34 -2.22
CA HIS A 29 -4.16 -31.93 -3.56
C HIS A 29 -5.16 -31.35 -4.55
N GLY A 30 -5.24 -30.02 -4.58
CA GLY A 30 -6.15 -29.37 -5.51
C GLY A 30 -7.60 -29.66 -5.24
N LYS A 31 -7.96 -29.90 -3.98
CA LYS A 31 -9.35 -30.15 -3.60
C LYS A 31 -10.24 -29.01 -4.08
N LYS A 32 -11.19 -29.32 -4.96
CA LYS A 32 -12.08 -28.30 -5.46
C LYS A 32 -13.00 -27.83 -4.35
N GLN A 33 -12.92 -26.53 -4.03
CA GLN A 33 -13.81 -25.95 -3.04
C GLN A 33 -15.16 -25.59 -3.66
N TRP A 34 -15.14 -24.92 -4.81
CA TRP A 34 -16.37 -24.56 -5.50
C TRP A 34 -16.07 -24.20 -6.94
N ASP A 35 -17.11 -24.21 -7.77
CA ASP A 35 -17.04 -23.80 -9.16
C ASP A 35 -18.09 -22.73 -9.40
N LEU A 36 -17.85 -21.88 -10.39
CA LEU A 36 -18.69 -20.70 -10.62
C LEU A 36 -18.95 -20.51 -12.10
N ASP A 37 -20.19 -20.12 -12.42
CA ASP A 37 -20.58 -19.70 -13.77
C ASP A 37 -21.19 -18.31 -13.68
N VAL A 38 -20.68 -17.39 -14.51
CA VAL A 38 -21.16 -16.01 -14.49
C VAL A 38 -22.44 -15.81 -15.28
N GLY A 39 -22.91 -16.85 -15.98
CA GLY A 39 -24.05 -16.73 -16.87
C GLY A 39 -23.75 -16.06 -18.20
N SER A 40 -22.64 -15.30 -18.28
CA SER A 40 -22.26 -14.60 -19.50
C SER A 40 -21.61 -15.50 -20.53
N GLY A 41 -21.48 -16.78 -20.24
CA GLY A 41 -21.05 -17.74 -21.23
C GLY A 41 -19.55 -17.82 -21.37
N SER A 42 -19.12 -18.35 -22.51
CA SER A 42 -17.72 -18.66 -22.73
C SER A 42 -16.89 -17.38 -22.84
N LEU A 43 -15.58 -17.55 -22.67
CA LEU A 43 -14.65 -16.42 -22.73
C LEU A 43 -14.46 -15.88 -24.14
N VAL A 44 -14.92 -16.59 -25.17
CA VAL A 44 -14.82 -16.07 -26.52
C VAL A 44 -16.00 -16.62 -27.34
N SER A 45 -16.54 -15.78 -28.21
CA SER A 45 -17.59 -16.17 -29.14
C SER A 45 -17.24 -15.70 -30.54
N SER A 46 -17.60 -16.52 -31.53
CA SER A 46 -17.35 -16.17 -32.93
C SER A 46 -18.29 -16.93 -33.87
N MET A 58 -8.82 -15.48 -42.46
CA MET A 58 -9.30 -15.68 -41.10
C MET A 58 -8.75 -14.61 -40.16
N ILE A 59 -9.50 -14.32 -39.11
CA ILE A 59 -9.09 -13.36 -38.10
C ILE A 59 -9.23 -14.02 -36.74
N ILE A 60 -8.16 -14.00 -35.96
CA ILE A 60 -8.14 -14.65 -34.66
C ILE A 60 -7.71 -13.64 -33.60
N PRO A 61 -8.42 -13.57 -32.48
CA PRO A 61 -8.13 -12.52 -31.50
C PRO A 61 -7.42 -13.02 -30.24
N SER A 62 -6.81 -12.11 -29.50
CA SER A 62 -6.38 -12.45 -28.15
C SER A 62 -7.55 -12.27 -27.18
N LEU A 63 -7.46 -12.96 -26.05
CA LEU A 63 -8.52 -12.84 -25.05
C LEU A 63 -8.61 -11.43 -24.50
N ASP A 64 -7.56 -10.62 -24.65
CA ASP A 64 -7.57 -9.24 -24.19
C ASP A 64 -8.04 -8.26 -25.26
N GLY A 65 -8.22 -8.70 -26.50
CA GLY A 65 -8.69 -7.83 -27.55
C GLY A 65 -7.75 -7.69 -28.73
N ASP A 66 -6.48 -8.07 -28.62
CA ASP A 66 -5.59 -7.95 -29.76
C ASP A 66 -6.11 -8.80 -30.91
N LEU A 67 -5.73 -8.42 -32.13
CA LEU A 67 -6.21 -9.07 -33.33
C LEU A 67 -5.03 -9.51 -34.19
N PHE A 68 -5.14 -10.72 -34.74
CA PHE A 68 -4.12 -11.27 -35.64
C PHE A 68 -4.83 -12.12 -36.69
N GLN A 69 -4.14 -12.32 -37.81
CA GLN A 69 -4.69 -13.09 -38.90
C GLN A 69 -3.85 -14.33 -39.19
N GLU A 78 1.22 -11.13 -40.11
CA GLU A 78 0.12 -11.88 -39.50
C GLU A 78 -0.65 -11.02 -38.52
N THR A 79 -0.11 -9.85 -38.18
CA THR A 79 -0.76 -8.92 -37.31
C THR A 79 -1.50 -7.86 -38.13
N VAL A 80 -2.62 -7.39 -37.58
CA VAL A 80 -3.35 -6.29 -38.18
C VAL A 80 -3.09 -5.04 -37.35
N PRO A 81 -3.11 -3.86 -37.95
CA PRO A 81 -2.90 -2.62 -37.21
C PRO A 81 -4.05 -2.22 -36.29
N PHE A 82 -4.98 -3.12 -36.05
CA PHE A 82 -6.18 -2.83 -35.28
C PHE A 82 -6.27 -3.73 -34.05
N THR A 83 -6.92 -3.20 -33.03
CA THR A 83 -7.40 -3.95 -31.88
C THR A 83 -8.92 -3.97 -31.93
N VAL A 84 -9.53 -4.78 -31.06
CA VAL A 84 -10.99 -4.90 -31.05
C VAL A 84 -11.64 -3.52 -30.94
N GLU A 85 -11.03 -2.61 -30.19
CA GLU A 85 -11.59 -1.27 -30.06
C GLU A 85 -11.09 -0.33 -31.15
N SER A 86 -9.91 -0.58 -31.71
CA SER A 86 -9.43 0.28 -32.79
C SER A 86 -10.32 0.20 -34.02
N LEU A 87 -11.08 -0.89 -34.16
CA LEU A 87 -12.00 -0.99 -35.29
C LEU A 87 -13.24 -0.14 -35.08
N LEU A 88 -13.80 -0.16 -33.87
CA LEU A 88 -15.02 0.59 -33.60
C LEU A 88 -14.82 2.08 -33.81
N GLU A 89 -13.67 2.61 -33.40
CA GLU A 89 -13.36 4.02 -33.56
C GLU A 89 -13.03 4.36 -35.02
N ASP A 97 -18.23 0.20 -46.62
CA ASP A 97 -18.23 -1.26 -46.78
C ASP A 97 -19.04 -1.93 -45.67
N VAL A 98 -18.90 -1.43 -44.44
CA VAL A 98 -19.54 -2.07 -43.30
C VAL A 98 -19.78 -1.03 -42.21
N VAL A 99 -20.52 -1.40 -41.17
CA VAL A 99 -20.72 -0.57 -40.00
C VAL A 99 -20.43 -1.40 -38.77
N LEU A 100 -19.64 -0.87 -37.85
CA LEU A 100 -19.22 -1.60 -36.67
C LEU A 100 -20.06 -1.17 -35.46
N VAL A 101 -20.43 -2.15 -34.64
CA VAL A 101 -21.02 -1.88 -33.33
C VAL A 101 -20.40 -2.84 -32.34
N GLY A 102 -20.42 -2.46 -31.07
CA GLY A 102 -19.80 -3.26 -30.03
C GLY A 102 -19.43 -2.40 -28.85
N GLY A 103 -19.09 -3.08 -27.75
CA GLY A 103 -18.76 -2.39 -26.52
C GLY A 103 -18.02 -3.28 -25.56
N LYS A 104 -17.15 -2.66 -24.77
CA LYS A 104 -16.39 -3.32 -23.71
C LYS A 104 -17.11 -3.14 -22.39
N SER A 105 -17.11 -4.20 -21.57
CA SER A 105 -17.82 -4.20 -20.29
C SER A 105 -16.85 -4.57 -19.17
N LEU A 106 -16.89 -3.81 -18.09
CA LEU A 106 -16.06 -4.05 -16.91
C LEU A 106 -17.01 -4.33 -15.75
N THR A 107 -17.14 -5.60 -15.39
CA THR A 107 -18.00 -6.02 -14.30
C THR A 107 -17.15 -6.66 -13.22
N THR A 108 -17.44 -6.32 -11.96
CA THR A 108 -16.72 -6.87 -10.81
C THR A 108 -17.67 -7.69 -9.98
N TYR A 109 -17.33 -8.97 -9.77
CA TYR A 109 -18.09 -9.87 -8.93
C TYR A 109 -17.39 -10.04 -7.60
N GLY A 110 -18.16 -10.04 -6.52
CA GLY A 110 -17.57 -10.21 -5.20
C GLY A 110 -18.16 -11.38 -4.44
N LEU A 111 -17.37 -12.43 -4.25
CA LEU A 111 -17.82 -13.64 -3.59
C LEU A 111 -17.16 -13.76 -2.21
N SER A 112 -17.61 -14.77 -1.48
CA SER A 112 -16.89 -15.17 -0.27
C SER A 112 -15.56 -15.79 -0.67
N ALA A 113 -14.51 -15.47 0.09
CA ALA A 113 -13.17 -15.87 -0.29
C ALA A 113 -13.01 -17.39 -0.33
N TYR A 114 -13.67 -18.10 0.59
CA TYR A 114 -13.50 -19.54 0.68
C TYR A 114 -14.77 -20.36 0.49
N SER A 115 -15.95 -19.78 0.73
CA SER A 115 -17.18 -20.47 0.40
C SER A 115 -17.64 -20.20 -1.02
N GLY A 116 -17.19 -19.12 -1.62
CA GLY A 116 -17.51 -18.81 -3.00
C GLY A 116 -18.89 -18.26 -3.25
N LYS A 117 -19.70 -18.07 -2.22
CA LYS A 117 -21.05 -17.58 -2.44
C LYS A 117 -21.04 -16.07 -2.58
N VAL A 118 -21.86 -15.57 -3.50
CA VAL A 118 -21.76 -14.19 -3.96
C VAL A 118 -22.15 -13.23 -2.85
N ARG A 119 -21.43 -12.10 -2.77
CA ARG A 119 -21.74 -11.03 -1.85
C ARG A 119 -22.17 -9.74 -2.55
N TYR A 120 -21.43 -9.30 -3.57
CA TYR A 120 -21.86 -8.14 -4.34
C TYR A 120 -21.47 -8.30 -5.80
N ILE A 121 -22.27 -7.70 -6.68
CA ILE A 121 -21.98 -7.61 -8.11
C ILE A 121 -22.16 -6.16 -8.54
N CYS A 122 -21.19 -5.62 -9.27
CA CYS A 122 -21.23 -4.23 -9.68
C CYS A 122 -20.94 -4.12 -11.16
N SER A 123 -21.74 -3.32 -11.85
CA SER A 123 -21.56 -3.10 -13.27
C SER A 123 -22.26 -1.81 -13.62
N ALA A 124 -22.24 -1.48 -14.92
CA ALA A 124 -23.01 -0.34 -15.39
C ALA A 124 -24.49 -0.52 -15.09
N LEU A 125 -24.98 -1.77 -15.13
CA LEU A 125 -26.34 -2.05 -14.68
C LEU A 125 -26.61 -1.43 -13.33
N GLY A 126 -25.85 -1.85 -12.33
CA GLY A 126 -26.02 -1.35 -10.99
C GLY A 126 -24.95 -1.94 -10.09
N CYS A 127 -25.17 -1.82 -8.79
CA CYS A 127 -24.22 -2.32 -7.81
C CYS A 127 -24.99 -3.04 -6.70
N ARG A 128 -25.51 -4.23 -7.04
CA ARG A 128 -26.13 -5.09 -6.05
C ARG A 128 -25.05 -5.78 -5.22
N ILE A 141 -12.17 -11.70 1.07
CA ILE A 141 -13.01 -11.23 -0.04
C ILE A 141 -12.18 -11.15 -1.31
N LEU A 142 -12.65 -11.81 -2.36
CA LEU A 142 -11.98 -11.83 -3.65
C LEU A 142 -12.84 -11.09 -4.68
N LEU A 143 -12.17 -10.43 -5.62
CA LEU A 143 -12.79 -9.58 -6.62
C LEU A 143 -12.54 -10.10 -8.02
N LEU A 144 -13.58 -10.25 -8.82
CA LEU A 144 -13.41 -10.80 -10.16
C LEU A 144 -13.92 -9.78 -11.17
N GLN A 145 -12.99 -9.24 -11.95
CA GLN A 145 -13.26 -8.22 -12.96
C GLN A 145 -13.23 -8.85 -14.34
N ARG A 146 -14.40 -9.01 -14.95
CA ARG A 146 -14.52 -9.57 -16.30
C ARG A 146 -14.65 -8.46 -17.34
N THR A 147 -13.77 -8.50 -18.36
CA THR A 147 -13.81 -7.56 -19.48
C THR A 147 -14.20 -8.36 -20.72
N GLN A 148 -15.45 -8.18 -21.17
CA GLN A 148 -15.96 -8.84 -22.35
C GLN A 148 -15.98 -7.84 -23.50
N LYS A 149 -15.13 -8.06 -24.48
CA LYS A 149 -15.01 -7.18 -25.64
C LYS A 149 -15.76 -7.81 -26.80
N THR A 150 -16.86 -7.18 -27.20
CA THR A 150 -17.61 -7.62 -28.36
C THR A 150 -17.58 -6.54 -29.43
N VAL A 151 -17.65 -6.96 -30.68
CA VAL A 151 -17.75 -6.04 -31.81
C VAL A 151 -18.50 -6.75 -32.92
N ARG A 152 -19.47 -6.05 -33.52
CA ARG A 152 -20.31 -6.61 -34.57
C ARG A 152 -20.20 -5.76 -35.82
N ALA A 153 -19.88 -6.40 -36.94
CA ALA A 153 -19.95 -5.76 -38.24
C ALA A 153 -21.36 -5.91 -38.78
N VAL A 154 -21.92 -4.82 -39.30
CA VAL A 154 -23.32 -4.78 -39.69
C VAL A 154 -23.47 -3.97 -40.96
N GLY A 155 -24.26 -4.49 -41.91
CA GLY A 155 -24.53 -3.82 -43.15
C GLY A 155 -25.31 -2.54 -42.92
N PRO A 156 -24.93 -1.48 -43.66
CA PRO A 156 -25.48 -0.15 -43.35
C PRO A 156 -26.96 -0.03 -43.63
N ARG A 157 -27.46 -0.72 -44.65
CA ARG A 157 -28.85 -0.59 -45.07
C ARG A 157 -29.76 -1.66 -44.47
N SER A 158 -29.29 -2.90 -44.39
CA SER A 158 -30.12 -3.98 -43.87
C SER A 158 -30.13 -4.03 -42.35
N GLY A 159 -28.95 -4.04 -41.73
CA GLY A 159 -28.84 -4.15 -40.29
C GLY A 159 -28.66 -5.55 -39.75
N ASN A 160 -28.56 -6.56 -40.60
CA ASN A 160 -28.35 -7.93 -40.16
C ASN A 160 -26.86 -8.17 -39.91
N GLU A 161 -26.57 -9.11 -39.00
CA GLU A 161 -25.19 -9.36 -38.62
C GLU A 161 -24.36 -9.82 -39.83
N LYS A 162 -23.10 -9.40 -39.85
CA LYS A 162 -22.13 -9.83 -40.85
C LYS A 162 -21.14 -10.81 -40.22
N TRP A 163 -20.17 -10.31 -39.48
CA TRP A 163 -19.41 -11.11 -38.54
C TRP A 163 -19.32 -10.37 -37.22
N ASN A 164 -18.84 -11.08 -36.21
CA ASN A 164 -18.70 -10.51 -34.87
C ASN A 164 -17.68 -11.32 -34.09
N PHE A 165 -16.94 -10.63 -33.23
CA PHE A 165 -16.00 -11.25 -32.30
C PHE A 165 -16.34 -10.78 -30.90
N SER A 166 -16.37 -11.71 -29.95
CA SER A 166 -16.69 -11.39 -28.55
C SER A 166 -15.70 -12.12 -27.65
N VAL A 167 -14.61 -11.45 -27.29
CA VAL A 167 -13.59 -12.01 -26.44
C VAL A 167 -13.85 -11.59 -25.00
N GLY A 168 -13.28 -12.33 -24.07
CA GLY A 168 -13.39 -12.00 -22.66
C GLY A 168 -12.10 -12.28 -21.93
N HIS A 169 -11.91 -11.57 -20.82
CA HIS A 169 -10.71 -11.74 -20.01
C HIS A 169 -11.01 -11.43 -18.55
N PHE A 170 -10.45 -12.25 -17.65
CA PHE A 170 -10.61 -12.11 -16.21
C PHE A 170 -9.33 -11.59 -15.57
N GLU A 171 -9.49 -10.74 -14.54
CA GLU A 171 -8.41 -10.17 -13.73
C GLU A 171 -8.86 -10.08 -12.28
N LEU A 172 -8.01 -10.55 -11.38
CA LEU A 172 -8.46 -10.85 -10.03
C LEU A 172 -7.87 -9.91 -8.97
N ARG A 173 -8.66 -9.61 -7.94
CA ARG A 173 -8.16 -8.94 -6.74
C ARG A 173 -8.70 -9.62 -5.49
N TYR A 174 -7.98 -9.42 -4.38
CA TYR A 174 -8.37 -9.98 -3.09
C TYR A 174 -8.27 -8.91 -2.01
N ILE A 175 -9.18 -8.97 -1.06
CA ILE A 175 -9.17 -8.06 0.07
C ILE A 175 -8.46 -8.72 1.24
N THR A 214 6.68 -26.34 -3.06
CA THR A 214 5.99 -26.55 -4.32
C THR A 214 5.79 -25.24 -5.07
N VAL A 215 6.21 -25.20 -6.33
CA VAL A 215 6.02 -24.06 -7.21
C VAL A 215 4.97 -24.46 -8.24
N ILE A 216 3.79 -23.84 -8.15
CA ILE A 216 2.65 -24.23 -8.96
C ILE A 216 2.83 -23.70 -10.38
N LYS A 217 2.83 -24.60 -11.35
CA LYS A 217 2.92 -24.27 -12.76
C LYS A 217 1.68 -24.76 -13.49
N VAL A 218 1.62 -24.49 -14.79
CA VAL A 218 0.46 -24.81 -15.60
C VAL A 218 0.89 -25.36 -16.94
N SER A 219 0.23 -26.43 -17.38
CA SER A 219 0.41 -26.99 -18.71
C SER A 219 -0.82 -26.64 -19.52
N VAL A 220 -0.66 -25.70 -20.45
CA VAL A 220 -1.81 -25.26 -21.24
C VAL A 220 -2.11 -26.22 -22.38
N ALA A 221 -1.12 -26.96 -22.87
CA ALA A 221 -1.38 -27.97 -23.89
C ALA A 221 -2.23 -29.11 -23.36
N ASP A 222 -2.36 -29.24 -22.04
CA ASP A 222 -3.13 -30.31 -21.44
C ASP A 222 -4.30 -29.80 -20.60
N TRP A 223 -4.43 -28.50 -20.41
CA TRP A 223 -5.48 -27.92 -19.57
C TRP A 223 -5.40 -28.48 -18.15
N LYS A 224 -4.19 -28.46 -17.58
CA LYS A 224 -3.96 -29.03 -16.27
C LYS A 224 -3.17 -28.07 -15.39
N VAL A 225 -3.54 -28.06 -14.10
CA VAL A 225 -2.80 -27.35 -13.07
C VAL A 225 -1.88 -28.36 -12.37
N MET A 226 -0.60 -28.02 -12.29
CA MET A 226 0.40 -28.93 -11.74
C MET A 226 1.26 -28.16 -10.75
N ALA A 227 1.27 -28.61 -9.51
CA ALA A 227 2.14 -28.08 -8.47
C ALA A 227 3.35 -29.01 -8.31
N PHE A 228 4.53 -28.47 -8.57
CA PHE A 228 5.78 -29.24 -8.55
C PHE A 228 6.51 -29.02 -7.23
N ASN A 229 6.54 -30.05 -6.38
CA ASN A 229 7.30 -30.00 -5.14
C ASN A 229 8.77 -29.70 -5.45
N LYS A 230 9.30 -28.65 -4.82
CA LYS A 230 10.67 -28.22 -5.11
C LYS A 230 11.71 -29.28 -4.80
N LYS A 231 11.35 -30.32 -4.05
CA LYS A 231 12.32 -31.35 -3.65
C LYS A 231 12.26 -32.48 -4.67
N GLY A 232 13.26 -32.52 -5.55
CA GLY A 232 13.36 -33.56 -6.53
C GLY A 232 12.55 -33.35 -7.79
N GLY A 233 11.75 -32.29 -7.85
CA GLY A 233 10.98 -31.99 -9.04
C GLY A 233 9.72 -32.82 -9.14
N HIS A 234 9.64 -33.88 -8.35
CA HIS A 234 8.48 -34.75 -8.38
C HIS A 234 7.25 -34.00 -7.90
N LEU A 235 6.19 -34.01 -8.72
CA LEU A 235 4.97 -33.32 -8.35
C LEU A 235 4.25 -34.07 -7.23
N GLU A 236 3.49 -33.32 -6.42
CA GLU A 236 2.69 -33.91 -5.37
C GLU A 236 1.24 -34.11 -5.78
N TRP A 237 0.67 -33.13 -6.48
CA TRP A 237 -0.72 -33.22 -6.91
C TRP A 237 -0.88 -32.46 -8.23
N GLU A 238 -1.97 -32.77 -8.91
CA GLU A 238 -2.36 -32.04 -10.10
C GLU A 238 -3.88 -32.05 -10.17
N TYR A 239 -4.42 -31.12 -10.95
CA TYR A 239 -5.86 -31.07 -11.21
C TYR A 239 -6.05 -30.84 -12.70
N GLN A 240 -6.94 -31.61 -13.30
CA GLN A 240 -7.21 -31.53 -14.73
C GLN A 240 -8.55 -30.87 -14.96
N PHE A 241 -8.58 -29.92 -15.90
CA PHE A 241 -9.79 -29.22 -16.29
C PHE A 241 -10.22 -29.69 -17.66
N SER A 242 -11.52 -29.95 -17.82
CA SER A 242 -12.02 -30.40 -19.10
C SER A 242 -11.97 -29.29 -20.15
N THR A 243 -11.94 -28.04 -19.73
CA THR A 243 -11.96 -26.89 -20.62
C THR A 243 -10.58 -26.22 -20.63
N PRO A 244 -10.11 -25.78 -21.81
CA PRO A 244 -8.80 -25.09 -21.87
C PRO A 244 -8.72 -23.92 -20.91
N ILE A 245 -7.50 -23.48 -20.60
CA ILE A 245 -7.25 -22.54 -19.52
C ILE A 245 -6.88 -21.19 -20.11
N ALA A 246 -7.31 -20.13 -19.44
CA ALA A 246 -6.97 -18.77 -19.82
C ALA A 246 -5.96 -18.13 -18.87
N SER A 247 -6.24 -18.14 -17.57
CA SER A 247 -5.34 -17.52 -16.62
C SER A 247 -5.50 -18.20 -15.27
N ALA A 248 -4.47 -18.10 -14.44
CA ALA A 248 -4.50 -18.73 -13.12
C ALA A 248 -3.70 -17.90 -12.15
N TRP A 249 -4.16 -17.86 -10.91
CA TRP A 249 -3.48 -17.10 -9.86
C TRP A 249 -3.50 -17.90 -8.56
N LEU A 250 -2.46 -17.70 -7.77
CA LEU A 250 -2.39 -18.22 -6.42
C LEU A 250 -2.53 -17.06 -5.46
N VAL A 251 -3.30 -17.26 -4.39
CA VAL A 251 -3.48 -16.23 -3.37
C VAL A 251 -2.80 -16.69 -2.08
N LYS A 252 -1.48 -16.54 -2.01
CA LYS A 252 -0.68 -17.05 -0.90
C LYS A 252 -0.69 -16.04 0.24
N ASP A 253 -1.65 -16.20 1.15
CA ASP A 253 -1.80 -15.35 2.34
C ASP A 253 -1.96 -13.88 1.92
N GLY A 254 -3.16 -13.58 1.41
CA GLY A 254 -3.55 -12.23 1.03
C GLY A 254 -3.01 -11.69 -0.29
N LYS A 255 -1.77 -12.03 -0.64
CA LYS A 255 -1.18 -11.57 -1.89
C LYS A 255 -1.74 -12.39 -3.06
N VAL A 256 -1.75 -11.78 -4.24
CA VAL A 256 -2.21 -12.44 -5.45
C VAL A 256 -0.98 -12.74 -6.31
N ILE A 257 -0.69 -14.01 -6.48
CA ILE A 257 0.48 -14.45 -7.24
C ILE A 257 -0.02 -15.02 -8.56
N PRO A 258 0.32 -14.42 -9.70
CA PRO A 258 -0.12 -14.97 -10.98
C PRO A 258 0.67 -16.23 -11.33
N ILE A 259 -0.06 -17.31 -11.59
CA ILE A 259 0.60 -18.55 -11.99
C ILE A 259 1.07 -18.43 -13.43
N SER A 260 2.35 -18.72 -13.66
CA SER A 260 2.92 -18.68 -15.00
C SER A 260 2.30 -19.77 -15.87
N LEU A 261 2.65 -19.75 -17.16
CA LEU A 261 2.09 -20.70 -18.12
C LEU A 261 3.12 -21.11 -19.15
N PHE A 262 3.17 -22.41 -19.43
CA PHE A 262 4.15 -22.99 -20.34
C PHE A 262 3.46 -24.08 -21.17
N ASP A 263 4.18 -24.59 -22.16
CA ASP A 263 3.68 -25.72 -22.96
C ASP A 263 3.53 -26.98 -22.10
N TYR A 293 -0.09 -17.81 -27.61
CA TYR A 293 -0.16 -18.46 -28.92
C TYR A 293 -1.60 -18.69 -29.34
N LEU A 294 -1.81 -19.60 -30.30
CA LEU A 294 -3.12 -19.88 -30.85
C LEU A 294 -3.78 -21.03 -30.10
N GLY A 295 -5.01 -20.81 -29.64
CA GLY A 295 -5.75 -21.84 -28.92
C GLY A 295 -7.06 -22.21 -29.59
N MET A 296 -7.87 -23.04 -28.92
CA MET A 296 -9.19 -23.39 -29.42
C MET A 296 -10.02 -24.08 -28.35
N TYR A 297 -11.30 -23.68 -28.22
CA TYR A 297 -12.22 -24.29 -27.27
C TYR A 297 -13.52 -24.62 -28.01
N ARG A 298 -13.65 -25.88 -28.41
CA ARG A 298 -14.87 -26.37 -29.06
C ARG A 298 -15.28 -25.43 -30.19
N GLY A 299 -14.34 -25.20 -31.11
CA GLY A 299 -14.64 -24.42 -32.30
C GLY A 299 -13.70 -23.27 -32.62
N GLN A 300 -13.78 -22.19 -31.82
CA GLN A 300 -13.14 -20.93 -32.18
C GLN A 300 -11.72 -20.85 -31.64
N LEU A 301 -10.85 -20.25 -32.44
CA LEU A 301 -9.45 -20.02 -32.13
C LEU A 301 -9.28 -18.69 -31.41
N TYR A 302 -8.17 -18.55 -30.70
CA TYR A 302 -7.87 -17.33 -29.96
C TYR A 302 -6.37 -17.19 -29.79
N LEU A 303 -5.94 -16.17 -29.05
CA LEU A 303 -4.53 -15.92 -28.81
C LEU A 303 -4.27 -15.68 -27.33
N GLN A 304 -3.04 -15.99 -26.92
CA GLN A 304 -2.57 -15.76 -25.57
C GLN A 304 -1.11 -15.29 -25.64
N SER A 305 -0.62 -14.77 -24.51
CA SER A 305 0.76 -14.28 -24.41
C SER A 305 1.55 -15.21 -23.48
N SER A 306 2.21 -16.19 -24.08
CA SER A 306 2.94 -17.20 -23.30
C SER A 306 4.40 -17.32 -23.73
N PRO B 3 -3.03 -22.76 -39.74
CA PRO B 3 -2.73 -22.50 -38.34
C PRO B 3 -2.99 -23.71 -37.43
N GLN B 4 -2.20 -23.86 -36.37
CA GLN B 4 -2.34 -24.97 -35.44
C GLN B 4 -2.75 -24.44 -34.08
N PRO B 5 -3.83 -24.92 -33.51
CA PRO B 5 -4.28 -24.35 -32.24
C PRO B 5 -3.53 -24.87 -31.01
N TRP B 6 -2.36 -25.49 -31.16
CA TRP B 6 -1.71 -26.03 -29.97
C TRP B 6 -0.19 -25.94 -30.04
N ARG B 7 0.32 -24.75 -30.37
CA ARG B 7 1.76 -24.52 -30.33
C ARG B 7 2.07 -23.03 -30.33
N PHE B 8 3.24 -22.68 -29.79
CA PHE B 8 3.65 -21.27 -29.57
C PHE B 8 3.98 -20.60 -30.91
N TYR B 9 3.00 -19.91 -31.50
CA TYR B 9 3.20 -19.23 -32.77
C TYR B 9 3.88 -17.87 -32.62
N ALA B 10 4.58 -17.47 -33.68
CA ALA B 10 5.33 -16.22 -33.70
C ALA B 10 5.01 -15.47 -34.98
N PRO B 11 4.72 -14.16 -34.90
CA PRO B 11 4.38 -13.31 -36.05
C PRO B 11 5.50 -13.30 -37.10
N ARG C 9 -15.11 13.37 10.61
CA ARG C 9 -14.12 12.56 9.92
C ARG C 9 -12.69 13.03 10.17
N SER C 10 -12.54 14.30 10.54
CA SER C 10 -11.22 14.89 10.77
C SER C 10 -11.12 15.43 12.18
N LEU C 11 -9.91 15.40 12.72
CA LEU C 11 -9.63 15.90 14.06
C LEU C 11 -8.14 16.19 14.17
N VAL C 12 -7.79 17.30 14.80
CA VAL C 12 -6.40 17.68 14.96
C VAL C 12 -5.83 16.99 16.18
N ILE C 13 -4.65 16.39 16.02
CA ILE C 13 -3.97 15.68 17.09
C ILE C 13 -2.78 16.52 17.55
N ILE C 14 -2.74 16.81 18.84
CA ILE C 14 -1.73 17.69 19.43
C ILE C 14 -1.12 17.00 20.63
N SER C 15 0.20 16.80 20.59
CA SER C 15 0.94 16.18 21.68
C SER C 15 1.40 17.26 22.65
N THR C 16 0.84 17.28 23.85
CA THR C 16 1.18 18.24 24.89
C THR C 16 2.38 17.75 25.70
N LEU C 17 3.06 18.71 26.33
CA LEU C 17 4.28 18.41 27.08
C LEU C 17 4.01 17.72 28.42
N ASP C 18 2.77 17.73 28.90
CA ASP C 18 2.42 16.89 30.04
C ASP C 18 2.76 15.44 29.76
N GLY C 19 2.65 15.02 28.51
CA GLY C 19 2.49 13.63 28.19
C GLY C 19 1.05 13.27 27.90
N ARG C 20 0.18 14.26 27.81
CA ARG C 20 -1.20 14.08 27.41
C ARG C 20 -1.32 14.28 25.90
N ILE C 21 -2.48 13.88 25.37
CA ILE C 21 -2.76 14.00 23.95
C ILE C 21 -4.11 14.70 23.78
N ALA C 22 -4.19 15.59 22.80
CA ALA C 22 -5.37 16.38 22.55
C ALA C 22 -5.94 16.07 21.17
N ALA C 23 -7.24 15.80 21.10
CA ALA C 23 -7.92 15.53 19.84
C ALA C 23 -9.13 16.44 19.74
N LEU C 24 -8.98 17.56 19.03
CA LEU C 24 -10.05 18.50 18.83
C LEU C 24 -10.48 18.47 17.37
N ASP C 25 -11.71 18.90 17.11
CA ASP C 25 -12.27 18.87 15.77
C ASP C 25 -12.00 20.20 15.08
N PRO C 26 -11.28 20.21 13.95
CA PRO C 26 -11.00 21.48 13.27
C PRO C 26 -12.14 21.99 12.39
N GLU C 27 -13.16 21.18 12.13
CA GLU C 27 -14.31 21.71 11.39
C GLU C 27 -15.20 22.55 12.29
N ASN C 28 -15.18 22.31 13.60
CA ASN C 28 -15.71 23.24 14.58
C ASN C 28 -14.65 24.22 15.08
N HIS C 29 -13.56 24.37 14.33
CA HIS C 29 -12.46 25.29 14.61
C HIS C 29 -11.78 24.98 15.94
N GLY C 30 -11.89 23.73 16.40
CA GLY C 30 -11.23 23.30 17.62
C GLY C 30 -12.13 22.85 18.74
N LYS C 31 -13.13 22.00 18.45
CA LYS C 31 -13.98 21.47 19.51
C LYS C 31 -13.39 20.16 20.02
N LYS C 32 -13.39 20.01 21.34
CA LYS C 32 -12.73 18.88 21.99
C LYS C 32 -13.61 17.64 21.94
N GLN C 33 -13.01 16.51 21.57
CA GLN C 33 -13.66 15.22 21.69
C GLN C 33 -13.19 14.44 22.91
N TRP C 34 -11.90 14.52 23.25
CA TRP C 34 -11.36 13.86 24.42
C TRP C 34 -9.96 14.37 24.71
N ASP C 35 -9.56 14.23 25.98
CA ASP C 35 -8.19 14.38 26.45
C ASP C 35 -7.86 13.20 27.35
N LEU C 36 -6.63 12.68 27.23
CA LEU C 36 -6.28 11.54 28.06
C LEU C 36 -4.78 11.46 28.25
N ASP C 37 -4.38 11.19 29.49
CA ASP C 37 -2.97 11.02 29.82
C ASP C 37 -2.54 9.59 29.51
N VAL C 38 -1.34 9.44 28.97
CA VAL C 38 -0.82 8.13 28.61
C VAL C 38 -0.16 7.49 29.83
N GLY C 39 -0.28 8.14 30.99
CA GLY C 39 0.15 7.55 32.24
C GLY C 39 1.52 8.00 32.73
N SER C 40 2.53 7.89 31.88
CA SER C 40 3.91 8.06 32.34
C SER C 40 4.27 9.51 32.64
N GLY C 41 3.37 10.47 32.42
CA GLY C 41 3.63 11.82 32.87
C GLY C 41 4.57 12.60 31.96
N SER C 42 5.33 13.50 32.57
CA SER C 42 6.05 14.55 31.85
C SER C 42 6.99 13.97 30.80
N LEU C 43 7.05 14.63 29.65
CA LEU C 43 7.91 14.16 28.57
C LEU C 43 9.38 14.30 28.93
N VAL C 44 9.73 15.21 29.83
CA VAL C 44 11.12 15.41 30.24
C VAL C 44 11.20 15.46 31.76
N SER C 45 12.17 14.74 32.31
CA SER C 45 12.48 14.77 33.74
C SER C 45 13.99 14.77 33.90
N SER C 46 14.45 15.29 35.03
CA SER C 46 15.88 15.31 35.33
C SER C 46 16.09 15.61 36.81
N SER C 47 17.34 15.49 37.24
CA SER C 47 17.75 15.78 38.60
C SER C 47 19.26 15.76 38.71
N LEU C 48 19.88 16.93 38.83
CA LEU C 48 21.33 17.03 38.97
C LEU C 48 21.71 17.52 40.35
N LYS C 57 29.42 22.53 33.31
CA LYS C 57 28.45 23.14 32.42
C LYS C 57 27.20 22.28 32.32
N MET C 58 26.08 22.88 31.94
CA MET C 58 24.82 22.18 31.86
C MET C 58 24.80 21.22 30.68
N ILE C 59 23.72 20.43 30.61
CA ILE C 59 23.45 19.56 29.47
C ILE C 59 21.96 19.64 29.17
N ILE C 60 21.63 19.82 27.89
CA ILE C 60 20.25 19.94 27.45
C ILE C 60 20.01 18.94 26.34
N PRO C 61 19.05 18.03 26.48
CA PRO C 61 18.82 17.03 25.43
C PRO C 61 17.69 17.42 24.50
N SER C 62 17.43 16.60 23.48
CA SER C 62 16.34 16.86 22.55
C SER C 62 15.07 16.13 22.99
N ASP C 66 20.30 13.96 20.74
CA ASP C 66 21.62 14.49 21.07
C ASP C 66 21.51 15.43 22.26
N LEU C 67 22.66 15.86 22.79
CA LEU C 67 22.71 16.70 23.98
C LEU C 67 23.62 17.88 23.71
N PHE C 68 23.41 18.97 24.45
CA PHE C 68 24.12 20.21 24.18
C PHE C 68 24.41 20.94 25.48
N GLN C 69 25.22 21.99 25.38
CA GLN C 69 25.68 22.74 26.54
C GLN C 69 26.10 24.12 26.07
N TRP C 70 25.81 25.14 26.89
CA TRP C 70 26.01 26.51 26.42
C TRP C 70 26.06 27.49 27.59
N ASP C 71 27.02 28.40 27.54
CA ASP C 71 27.09 29.47 28.53
C ASP C 71 26.47 30.77 27.99
N GLU C 78 29.75 22.83 20.59
CA GLU C 78 28.63 23.04 21.49
C GLU C 78 27.82 21.75 21.65
N THR C 79 28.03 20.82 20.74
CA THR C 79 27.29 19.56 20.73
C THR C 79 28.01 18.50 21.55
N VAL C 80 27.22 17.60 22.12
CA VAL C 80 27.75 16.39 22.75
C VAL C 80 27.85 15.32 21.66
N PRO C 81 28.96 14.60 21.58
CA PRO C 81 29.12 13.63 20.48
C PRO C 81 28.27 12.38 20.64
N PHE C 82 27.30 12.40 21.55
CA PHE C 82 26.52 11.22 21.86
C PHE C 82 25.03 11.51 21.73
N THR C 83 24.27 10.44 21.73
CA THR C 83 22.82 10.48 21.81
C THR C 83 22.39 10.17 23.24
N VAL C 84 21.08 10.26 23.47
CA VAL C 84 20.53 9.85 24.75
C VAL C 84 20.79 8.37 24.98
N GLU C 85 20.86 7.60 23.89
CA GLU C 85 21.18 6.17 24.00
C GLU C 85 22.67 5.91 23.93
N SER C 86 23.42 6.73 23.21
CA SER C 86 24.83 6.44 22.98
C SER C 86 25.62 6.46 24.27
N LEU C 87 25.19 7.27 25.25
CA LEU C 87 25.80 7.20 26.56
C LEU C 87 25.69 5.79 27.13
N LEU C 88 24.56 5.14 26.89
CA LEU C 88 24.39 3.77 27.38
C LEU C 88 25.27 2.80 26.62
N GLU C 89 25.58 3.08 25.36
CA GLU C 89 26.54 2.29 24.61
C GLU C 89 27.98 2.75 24.82
N SER C 90 28.25 3.47 25.91
CA SER C 90 29.59 3.95 26.16
C SER C 90 29.95 3.77 27.63
N ASP C 97 34.50 7.91 35.63
CA ASP C 97 33.91 8.90 36.52
C ASP C 97 32.60 8.38 37.13
N VAL C 98 31.70 7.93 36.25
CA VAL C 98 30.39 7.42 36.63
C VAL C 98 30.12 6.14 35.85
N VAL C 99 28.95 5.56 36.08
CA VAL C 99 28.45 4.43 35.31
C VAL C 99 26.99 4.71 34.95
N LEU C 100 26.65 4.52 33.68
CA LEU C 100 25.36 4.97 33.15
C LEU C 100 24.41 3.80 32.98
N VAL C 101 23.21 3.93 33.54
CA VAL C 101 22.15 2.96 33.36
C VAL C 101 20.96 3.67 32.73
N GLY C 102 20.04 2.87 32.25
CA GLY C 102 18.85 3.38 31.61
C GLY C 102 18.51 2.53 30.40
N GLY C 103 17.63 3.08 29.56
CA GLY C 103 17.23 2.38 28.36
C GLY C 103 16.08 3.09 27.70
N LYS C 104 15.72 2.60 26.52
CA LYS C 104 14.66 3.15 25.70
C LYS C 104 13.39 2.33 25.84
N SER C 105 12.25 2.98 25.58
CA SER C 105 10.96 2.33 25.71
C SER C 105 10.05 2.71 24.55
N LEU C 106 9.36 1.71 24.01
CA LEU C 106 8.40 1.91 22.93
C LEU C 106 7.08 1.28 23.34
N THR C 107 6.14 2.10 23.80
CA THR C 107 4.82 1.64 24.17
C THR C 107 3.82 2.11 23.12
N THR C 108 2.77 1.33 22.93
CA THR C 108 1.77 1.62 21.90
C THR C 108 0.39 1.52 22.50
N TYR C 109 -0.36 2.62 22.46
CA TYR C 109 -1.73 2.67 22.94
C TYR C 109 -2.69 2.65 21.77
N GLY C 110 -3.86 2.04 21.98
CA GLY C 110 -4.86 1.95 20.93
C GLY C 110 -6.19 2.54 21.32
N LEU C 111 -6.63 3.57 20.62
CA LEU C 111 -7.83 4.31 20.98
C LEU C 111 -8.87 4.23 19.88
N SER C 112 -10.13 4.46 20.26
CA SER C 112 -11.14 4.83 19.29
C SER C 112 -10.85 6.25 18.82
N ALA C 113 -10.86 6.44 17.51
CA ALA C 113 -10.38 7.70 16.95
C ALA C 113 -11.19 8.89 17.48
N TYR C 114 -12.51 8.86 17.30
CA TYR C 114 -13.32 10.04 17.53
C TYR C 114 -13.91 10.12 18.94
N SER C 115 -13.93 9.01 19.68
CA SER C 115 -14.40 9.02 21.05
C SER C 115 -13.27 8.84 22.06
N GLY C 116 -12.15 8.25 21.67
CA GLY C 116 -10.94 8.27 22.46
C GLY C 116 -10.82 7.21 23.53
N LYS C 117 -11.66 6.19 23.53
CA LYS C 117 -11.62 5.19 24.58
C LYS C 117 -10.55 4.15 24.29
N VAL C 118 -9.81 3.78 25.34
CA VAL C 118 -8.64 2.92 25.18
C VAL C 118 -9.06 1.50 24.78
N ARG C 119 -8.32 0.90 23.86
CA ARG C 119 -8.53 -0.48 23.44
C ARG C 119 -7.39 -1.38 23.88
N TYR C 120 -6.14 -1.09 23.49
CA TYR C 120 -5.03 -1.93 23.89
C TYR C 120 -3.81 -1.06 24.22
N ILE C 121 -2.96 -1.61 25.08
CA ILE C 121 -1.65 -1.05 25.40
C ILE C 121 -0.62 -2.16 25.31
N CYS C 122 0.45 -1.94 24.56
CA CYS C 122 1.45 -2.96 24.31
C CYS C 122 2.85 -2.42 24.51
N SER C 123 3.64 -3.13 25.31
CA SER C 123 5.03 -2.79 25.54
C SER C 123 5.79 -4.08 25.79
N ALA C 124 7.05 -3.94 26.20
CA ALA C 124 7.88 -5.13 26.37
C ALA C 124 7.34 -6.06 27.43
N LEU C 125 6.56 -5.54 28.39
CA LEU C 125 5.99 -6.41 29.41
C LEU C 125 5.10 -7.47 28.80
N GLY C 126 4.18 -7.04 27.94
CA GLY C 126 3.26 -7.97 27.33
C GLY C 126 2.26 -7.21 26.49
N CYS C 127 1.00 -7.59 26.57
CA CYS C 127 -0.05 -6.91 25.84
C CYS C 127 -1.30 -6.85 26.72
N ARG C 128 -1.97 -5.70 26.69
CA ARG C 128 -3.22 -5.54 27.43
C ARG C 128 -4.17 -4.64 26.64
N GLU C 139 -14.66 -0.04 12.57
CA GLU C 139 -14.23 1.29 13.01
C GLU C 139 -12.75 1.50 12.76
N ASP C 140 -12.41 2.70 12.30
CA ASP C 140 -11.02 3.07 12.08
C ASP C 140 -10.34 3.36 13.41
N ILE C 141 -9.03 3.08 13.46
CA ILE C 141 -8.29 2.98 14.71
C ILE C 141 -7.17 4.02 14.73
N LEU C 142 -6.94 4.59 15.91
CA LEU C 142 -5.82 5.49 16.17
C LEU C 142 -4.67 4.72 16.79
N LEU C 143 -3.44 5.13 16.45
CA LEU C 143 -2.24 4.53 17.04
C LEU C 143 -1.29 5.62 17.51
N LEU C 144 -0.85 5.51 18.76
CA LEU C 144 0.09 6.43 19.39
C LEU C 144 1.29 5.66 19.92
N GLN C 145 2.49 6.11 19.55
CA GLN C 145 3.74 5.42 19.86
C GLN C 145 4.61 6.33 20.72
N ARG C 146 4.66 6.07 22.03
CA ARG C 146 5.46 6.87 22.94
C ARG C 146 6.87 6.29 23.02
N THR C 147 7.86 7.11 22.67
CA THR C 147 9.26 6.72 22.75
C THR C 147 9.85 7.40 23.99
N GLN C 148 10.21 6.60 24.97
CA GLN C 148 10.75 7.09 26.23
C GLN C 148 12.19 6.61 26.35
N LYS C 149 13.12 7.55 26.43
CA LYS C 149 14.53 7.26 26.61
C LYS C 149 14.97 7.86 27.94
N THR C 150 15.69 7.08 28.73
CA THR C 150 16.09 7.51 30.06
C THR C 150 17.51 7.03 30.36
N VAL C 151 18.29 7.89 31.01
CA VAL C 151 19.62 7.53 31.49
C VAL C 151 19.71 7.87 32.97
N ARG C 152 20.61 7.19 33.66
CA ARG C 152 20.87 7.44 35.07
C ARG C 152 22.36 7.30 35.32
N ALA C 153 22.97 8.33 35.90
CA ALA C 153 24.38 8.32 36.23
C ALA C 153 24.53 8.13 37.73
N VAL C 154 25.25 7.10 38.13
CA VAL C 154 25.42 6.78 39.53
C VAL C 154 26.90 6.56 39.81
N GLY C 155 27.27 6.68 41.09
CA GLY C 155 28.61 6.41 41.51
C GLY C 155 28.94 4.95 41.33
N PRO C 156 30.14 4.67 40.81
CA PRO C 156 30.49 3.27 40.54
C PRO C 156 30.56 2.40 41.79
N ARG C 157 31.11 2.91 42.88
CA ARG C 157 31.35 2.12 44.07
C ARG C 157 30.28 2.27 45.14
N SER C 158 29.64 3.44 45.22
CA SER C 158 28.60 3.66 46.21
C SER C 158 27.20 3.33 45.70
N GLY C 159 26.90 3.71 44.46
CA GLY C 159 25.63 3.40 43.85
C GLY C 159 24.56 4.45 43.98
N ASN C 160 24.89 5.63 44.50
CA ASN C 160 23.92 6.70 44.64
C ASN C 160 23.86 7.52 43.37
N GLU C 161 22.64 7.86 42.95
CA GLU C 161 22.45 8.56 41.69
C GLU C 161 23.07 9.95 41.73
N LYS C 162 23.76 10.32 40.66
CA LYS C 162 24.28 11.67 40.49
C LYS C 162 23.31 12.54 39.68
N TRP C 163 23.12 12.19 38.42
CA TRP C 163 22.14 12.87 37.58
C TRP C 163 21.43 11.85 36.70
N ASN C 164 20.35 12.29 36.08
CA ASN C 164 19.56 11.43 35.21
C ASN C 164 18.76 12.28 34.24
N PHE C 165 18.65 11.78 33.00
CA PHE C 165 17.82 12.39 31.98
C PHE C 165 16.72 11.42 31.59
N SER C 166 15.55 11.96 31.24
CA SER C 166 14.43 11.13 30.80
C SER C 166 13.59 11.92 29.80
N VAL C 167 13.68 11.53 28.52
CA VAL C 167 13.04 12.25 27.43
C VAL C 167 11.90 11.41 26.88
N GLY C 168 10.75 12.06 26.66
CA GLY C 168 9.60 11.41 26.07
C GLY C 168 9.38 11.89 24.64
N HIS C 169 8.75 11.04 23.84
CA HIS C 169 8.57 11.36 22.44
C HIS C 169 7.40 10.54 21.90
N PHE C 170 6.67 11.11 20.96
CA PHE C 170 5.48 10.47 20.42
C PHE C 170 5.54 10.40 18.90
N GLU C 171 5.02 9.30 18.36
CA GLU C 171 4.85 9.10 16.92
C GLU C 171 3.43 8.60 16.69
N LEU C 172 2.78 9.09 15.65
CA LEU C 172 1.36 8.79 15.46
C LEU C 172 1.06 8.52 13.99
N ARG C 173 0.26 7.49 13.76
CA ARG C 173 -0.37 7.26 12.46
C ARG C 173 -1.80 6.81 12.72
N TYR C 174 -2.49 6.36 11.68
CA TYR C 174 -3.94 6.17 11.76
C TYR C 174 -4.37 5.03 10.87
N ILE C 175 -5.26 4.20 11.38
CA ILE C 175 -5.79 3.07 10.63
C ILE C 175 -7.24 3.32 10.23
N THR C 214 -9.08 25.37 5.26
CA THR C 214 -8.34 25.72 6.46
C THR C 214 -6.89 25.26 6.39
N VAL C 215 -5.99 26.14 6.82
CA VAL C 215 -4.56 25.83 6.86
C VAL C 215 -4.17 25.76 8.33
N ILE C 216 -3.87 24.56 8.80
CA ILE C 216 -3.60 24.33 10.22
C ILE C 216 -2.10 24.50 10.47
N LYS C 217 -1.75 25.47 11.31
CA LYS C 217 -0.38 25.67 11.78
C LYS C 217 -0.43 25.97 13.27
N VAL C 218 0.75 25.92 13.91
CA VAL C 218 0.84 26.08 15.35
C VAL C 218 1.87 27.16 15.69
N SER C 219 1.75 27.70 16.89
CA SER C 219 2.66 28.69 17.42
C SER C 219 3.39 28.10 18.62
N VAL C 220 4.68 27.87 18.43
CA VAL C 220 5.51 27.32 19.49
C VAL C 220 5.64 28.27 20.67
N ALA C 221 5.77 29.58 20.42
CA ALA C 221 5.98 30.57 21.48
C ALA C 221 4.73 30.86 22.31
N ASP C 222 3.54 30.45 21.87
CA ASP C 222 2.30 30.74 22.57
C ASP C 222 1.53 29.49 22.98
N TRP C 223 2.02 28.31 22.61
CA TRP C 223 1.35 27.04 22.91
C TRP C 223 -0.07 27.03 22.37
N LYS C 224 -0.23 27.46 21.13
CA LYS C 224 -1.59 27.56 20.59
C LYS C 224 -1.64 27.10 19.15
N VAL C 225 -2.74 26.43 18.81
CA VAL C 225 -3.07 26.05 17.44
C VAL C 225 -4.09 27.05 16.91
N MET C 226 -3.94 27.43 15.64
CA MET C 226 -4.88 28.34 15.00
C MET C 226 -5.18 27.85 13.59
N ALA C 227 -6.46 27.80 13.24
CA ALA C 227 -6.89 27.44 11.90
C ALA C 227 -7.10 28.71 11.08
N PHE C 228 -6.35 28.85 9.99
CA PHE C 228 -6.43 30.01 9.13
C PHE C 228 -6.81 29.58 7.71
N ASN C 229 -7.35 30.53 6.96
CA ASN C 229 -7.83 30.30 5.60
C ASN C 229 -6.88 30.96 4.61
N LYS C 230 -6.65 30.28 3.47
CA LYS C 230 -5.79 30.84 2.44
C LYS C 230 -6.39 32.11 1.85
N LYS C 231 -7.72 32.14 1.71
CA LYS C 231 -8.42 33.33 1.24
C LYS C 231 -8.55 34.31 2.40
N GLY C 232 -7.77 35.39 2.36
CA GLY C 232 -7.87 36.39 3.39
C GLY C 232 -6.72 36.36 4.36
N GLY C 233 -6.31 35.16 4.75
CA GLY C 233 -5.20 34.98 5.66
C GLY C 233 -5.57 35.00 7.13
N HIS C 234 -6.68 35.63 7.49
CA HIS C 234 -7.09 35.68 8.89
C HIS C 234 -7.91 34.43 9.22
N LEU C 235 -8.61 34.46 10.34
CA LEU C 235 -9.35 33.32 10.85
C LEU C 235 -10.79 33.30 10.34
N THR C 243 0.49 24.44 28.46
CA THR C 243 1.72 23.67 28.28
C THR C 243 2.21 23.80 26.85
N PRO C 244 3.53 23.78 26.67
CA PRO C 244 4.08 23.79 25.32
C PRO C 244 3.72 22.52 24.57
N ILE C 245 3.88 22.58 23.25
CA ILE C 245 3.43 21.51 22.38
C ILE C 245 4.65 20.80 21.81
N ALA C 246 4.60 19.48 21.78
CA ALA C 246 5.72 18.70 21.27
C ALA C 246 5.58 18.40 19.78
N SER C 247 4.46 17.83 19.38
CA SER C 247 4.27 17.39 18.00
C SER C 247 2.83 17.60 17.58
N ALA C 248 2.62 17.75 16.29
CA ALA C 248 1.29 18.03 15.77
C ALA C 248 1.11 17.37 14.41
N TRP C 249 -0.06 16.78 14.21
CA TRP C 249 -0.39 16.21 12.92
C TRP C 249 -1.85 16.48 12.62
N LEU C 250 -2.16 16.54 11.34
CA LEU C 250 -3.53 16.66 10.86
C LEU C 250 -3.95 15.32 10.27
N VAL C 251 -4.99 14.73 10.83
CA VAL C 251 -5.57 13.52 10.26
C VAL C 251 -6.75 13.92 9.39
N LYS C 252 -6.87 13.27 8.23
CA LYS C 252 -7.87 13.64 7.23
C LYS C 252 -7.93 12.57 6.15
N ASP C 253 -9.12 12.00 5.93
CA ASP C 253 -9.34 10.95 4.94
C ASP C 253 -8.53 9.69 5.26
N GLY C 254 -8.52 9.32 6.54
CA GLY C 254 -7.87 8.10 6.98
C GLY C 254 -6.36 8.15 7.04
N LYS C 255 -5.73 9.22 6.56
CA LYS C 255 -4.29 9.36 6.61
C LYS C 255 -3.91 10.47 7.58
N VAL C 256 -2.63 10.50 7.95
CA VAL C 256 -2.10 11.45 8.91
C VAL C 256 -1.19 12.41 8.16
N ILE C 257 -1.54 13.69 8.18
CA ILE C 257 -0.70 14.74 7.59
C ILE C 257 -0.03 15.46 8.74
N PRO C 258 1.29 15.68 8.69
CA PRO C 258 1.97 16.31 9.82
C PRO C 258 1.80 17.82 9.79
N ILE C 259 1.40 18.38 10.92
CA ILE C 259 1.30 19.82 11.11
C ILE C 259 2.65 20.35 11.55
N SER C 260 3.14 21.37 10.85
CA SER C 260 4.46 21.92 11.10
C SER C 260 4.40 22.95 12.23
N LEU C 261 5.56 23.18 12.86
CA LEU C 261 5.68 24.13 13.97
C LEU C 261 6.60 25.26 13.56
N PHE C 262 6.21 26.49 13.90
CA PHE C 262 6.93 27.68 13.48
C PHE C 262 7.08 28.62 14.64
N ASP C 263 7.97 29.60 14.48
CA ASP C 263 8.11 30.69 15.44
C ASP C 263 7.97 32.03 14.75
N LEU C 294 14.44 25.73 21.21
CA LEU C 294 14.69 25.81 22.65
C LEU C 294 13.44 26.27 23.40
N GLY C 295 12.97 25.40 24.30
CA GLY C 295 11.81 25.72 25.11
C GLY C 295 12.06 25.47 26.58
N MET C 296 11.00 25.35 27.37
CA MET C 296 11.14 25.10 28.80
C MET C 296 9.82 24.62 29.37
N TYR C 297 9.86 23.54 30.14
CA TYR C 297 8.69 23.06 30.87
C TYR C 297 9.09 22.84 32.33
N ARG C 298 8.48 23.62 33.22
CA ARG C 298 8.71 23.51 34.66
C ARG C 298 10.20 23.63 34.98
N GLY C 299 10.81 24.72 34.51
CA GLY C 299 12.23 24.93 34.70
C GLY C 299 13.15 23.96 33.99
N GLN C 300 12.62 22.97 33.28
CA GLN C 300 13.42 22.00 32.54
C GLN C 300 13.50 22.43 31.09
N LEU C 301 14.70 22.35 30.51
CA LEU C 301 14.96 22.86 29.18
C LEU C 301 15.10 21.70 28.19
N TYR C 302 14.77 21.98 26.93
CA TYR C 302 14.78 20.99 25.87
C TYR C 302 14.95 21.71 24.53
N LEU C 303 14.94 20.93 23.44
CA LEU C 303 15.08 21.46 22.09
C LEU C 303 13.98 20.92 21.19
N GLN C 304 14.01 21.36 19.92
CA GLN C 304 12.98 21.03 18.95
C GLN C 304 13.54 21.30 17.55
N SER C 305 12.92 20.68 16.54
CA SER C 305 13.29 20.86 15.14
C SER C 305 12.14 21.56 14.41
N SER C 306 12.08 22.88 14.59
CA SER C 306 11.09 23.70 13.88
C SER C 306 11.66 24.19 12.55
N SER D 10 40.01 -14.04 44.30
CA SER D 10 39.99 -14.29 42.87
C SER D 10 38.94 -15.34 42.52
N LEU D 11 38.10 -15.03 41.54
CA LEU D 11 36.96 -15.88 41.21
C LEU D 11 36.82 -16.03 39.71
N VAL D 12 35.88 -16.87 39.31
CA VAL D 12 35.58 -17.12 37.90
C VAL D 12 34.08 -16.91 37.73
N ILE D 13 33.71 -15.78 37.16
CA ILE D 13 32.31 -15.45 36.94
C ILE D 13 31.88 -15.95 35.58
N ILE D 14 30.73 -16.61 35.52
CA ILE D 14 30.25 -17.26 34.31
C ILE D 14 28.80 -16.87 34.09
N SER D 15 28.48 -16.41 32.88
CA SER D 15 27.13 -16.05 32.52
C SER D 15 26.45 -17.23 31.85
N THR D 16 25.25 -17.56 32.32
CA THR D 16 24.49 -18.72 31.89
C THR D 16 23.31 -18.27 31.03
N LEU D 17 22.85 -19.15 30.15
CA LEU D 17 21.78 -18.77 29.23
C LEU D 17 20.46 -18.52 29.94
N ASP D 18 20.17 -19.25 31.02
CA ASP D 18 18.91 -19.06 31.71
C ASP D 18 18.80 -17.70 32.37
N GLY D 19 19.87 -16.90 32.36
CA GLY D 19 19.90 -15.61 33.02
C GLY D 19 20.72 -15.58 34.28
N ARG D 20 20.94 -16.74 34.90
CA ARG D 20 21.73 -16.82 36.11
C ARG D 20 23.19 -16.50 35.82
N ILE D 21 23.92 -16.19 36.89
CA ILE D 21 25.36 -16.01 36.84
C ILE D 21 25.96 -16.65 38.07
N ALA D 22 26.94 -17.53 37.86
CA ALA D 22 27.55 -18.25 38.96
C ALA D 22 29.02 -17.84 39.11
N ALA D 23 29.53 -18.00 40.33
CA ALA D 23 30.93 -17.73 40.62
C ALA D 23 31.57 -18.99 41.20
N LEU D 24 32.70 -19.39 40.63
CA LEU D 24 33.46 -20.55 41.07
C LEU D 24 34.79 -20.11 41.65
N ASP D 25 35.40 -21.00 42.42
CA ASP D 25 36.67 -20.71 43.05
C ASP D 25 37.78 -21.34 42.23
N PRO D 26 38.60 -20.55 41.50
CA PRO D 26 39.65 -21.14 40.68
C PRO D 26 40.81 -21.71 41.49
N GLU D 27 40.86 -21.42 42.79
CA GLU D 27 41.93 -21.93 43.64
C GLU D 27 41.44 -23.02 44.58
N ASN D 28 40.31 -23.64 44.26
CA ASN D 28 39.84 -24.80 45.00
C ASN D 28 39.06 -25.71 44.06
N HIS D 29 39.66 -25.99 42.90
CA HIS D 29 39.11 -26.92 41.92
C HIS D 29 37.75 -26.50 41.39
N GLY D 30 37.42 -25.21 41.50
CA GLY D 30 36.24 -24.67 40.84
C GLY D 30 34.93 -24.99 41.55
N LYS D 31 34.88 -24.76 42.85
CA LYS D 31 33.66 -24.98 43.59
C LYS D 31 32.78 -23.74 43.56
N LYS D 32 31.48 -23.95 43.38
CA LYS D 32 30.56 -22.83 43.26
C LYS D 32 30.56 -22.00 44.54
N GLN D 33 30.51 -20.67 44.37
CA GLN D 33 30.46 -19.77 45.50
C GLN D 33 29.05 -19.23 45.75
N TRP D 34 28.37 -18.81 44.70
CA TRP D 34 27.01 -18.31 44.84
C TRP D 34 26.38 -18.24 43.46
N ASP D 35 25.10 -17.88 43.44
CA ASP D 35 24.33 -17.69 42.23
C ASP D 35 23.58 -16.36 42.33
N LEU D 36 23.09 -15.91 41.18
CA LEU D 36 22.34 -14.66 41.12
C LEU D 36 21.31 -14.79 40.02
N ASP D 37 20.03 -14.76 40.38
CA ASP D 37 18.94 -14.80 39.42
C ASP D 37 18.29 -13.43 39.41
N VAL D 38 18.62 -12.62 38.42
CA VAL D 38 18.12 -11.25 38.36
C VAL D 38 16.62 -11.18 38.07
N GLY D 39 16.00 -12.31 37.71
CA GLY D 39 14.59 -12.28 37.40
C GLY D 39 14.24 -11.63 36.09
N SER D 40 15.22 -11.32 35.26
CA SER D 40 15.00 -10.74 33.94
C SER D 40 14.67 -11.79 32.89
N GLY D 41 14.40 -13.02 33.30
CA GLY D 41 14.13 -14.09 32.36
C GLY D 41 15.40 -14.67 31.74
N SER D 42 15.19 -15.42 30.68
CA SER D 42 16.28 -16.04 29.92
C SER D 42 16.97 -15.01 29.04
N LEU D 43 18.18 -15.35 28.62
CA LEU D 43 18.92 -14.50 27.68
C LEU D 43 18.40 -14.63 26.26
N VAL D 44 17.60 -15.65 25.97
CA VAL D 44 16.97 -15.81 24.65
C VAL D 44 15.56 -16.33 24.88
N SER D 45 14.60 -15.76 24.17
CA SER D 45 13.22 -16.22 24.22
C SER D 45 12.48 -15.61 23.05
N SER D 46 11.57 -16.38 22.47
CA SER D 46 10.84 -15.90 21.30
C SER D 46 9.51 -16.63 21.20
N SER D 47 8.43 -15.87 21.03
CA SER D 47 7.14 -16.43 20.66
C SER D 47 6.96 -16.32 19.16
N LEU D 48 6.18 -17.25 18.60
CA LEU D 48 5.90 -17.27 17.17
C LEU D 48 4.46 -17.72 16.94
N SER D 49 3.97 -17.47 15.73
CA SER D 49 2.63 -17.87 15.33
C SER D 49 2.55 -18.11 13.82
N LYS D 57 12.54 -19.80 7.12
CA LYS D 57 11.37 -20.22 7.87
C LYS D 57 11.56 -20.00 9.37
N MET D 58 12.73 -20.35 9.89
CA MET D 58 13.06 -20.18 11.31
C MET D 58 14.01 -19.02 11.49
N ILE D 59 13.62 -18.06 12.32
CA ILE D 59 14.48 -16.92 12.62
C ILE D 59 15.22 -17.24 13.92
N ILE D 60 16.53 -17.43 13.81
CA ILE D 60 17.38 -17.77 14.94
C ILE D 60 18.12 -16.52 15.37
N PRO D 61 17.78 -15.91 16.49
CA PRO D 61 18.39 -14.63 16.87
C PRO D 61 19.80 -14.80 17.42
N SER D 62 20.60 -13.77 17.20
CA SER D 62 21.91 -13.68 17.81
C SER D 62 21.83 -12.90 19.12
N LEU D 63 22.91 -12.94 19.89
CA LEU D 63 22.92 -12.30 21.19
C LEU D 63 23.30 -10.83 21.14
N ASP D 64 23.94 -10.38 20.05
CA ASP D 64 24.15 -8.96 19.83
C ASP D 64 22.85 -8.25 19.50
N GLY D 65 21.82 -9.00 19.13
CA GLY D 65 20.61 -8.47 18.54
C GLY D 65 20.45 -8.84 17.08
N ASP D 66 21.50 -9.30 16.44
CA ASP D 66 21.42 -9.68 15.03
C ASP D 66 20.48 -10.87 14.85
N LEU D 67 19.98 -11.03 13.62
CA LEU D 67 18.99 -12.05 13.30
C LEU D 67 19.41 -12.82 12.05
N PHE D 68 19.38 -14.14 12.16
CA PHE D 68 19.69 -15.01 11.05
C PHE D 68 18.55 -16.01 10.88
N GLN D 69 18.43 -16.57 9.68
CA GLN D 69 17.33 -17.46 9.38
C GLN D 69 17.82 -18.65 8.55
N TRP D 70 17.17 -19.79 8.76
CA TRP D 70 17.51 -21.05 8.10
C TRP D 70 16.26 -21.60 7.42
N ASP D 71 16.40 -22.03 6.17
CA ASP D 71 15.30 -22.66 5.45
C ASP D 71 15.40 -24.17 5.61
N ARG D 72 14.39 -24.77 6.23
CA ARG D 72 14.46 -26.18 6.58
C ARG D 72 14.60 -27.07 5.35
N ASP D 73 14.08 -26.64 4.21
CA ASP D 73 13.98 -27.48 3.02
C ASP D 73 15.25 -27.46 2.20
N ARG D 74 15.72 -26.29 1.81
CA ARG D 74 16.98 -26.22 1.08
C ARG D 74 18.17 -26.26 2.01
N GLU D 75 17.94 -26.27 3.33
CA GLU D 75 18.96 -26.51 4.33
C GLU D 75 20.19 -25.64 4.13
N SER D 76 20.01 -24.36 4.46
CA SER D 76 21.12 -23.42 4.51
C SER D 76 20.64 -22.18 5.25
N MET D 77 21.57 -21.27 5.47
CA MET D 77 21.31 -20.11 6.31
C MET D 77 21.92 -18.87 5.66
N GLU D 78 21.19 -17.76 5.73
CA GLU D 78 21.63 -16.50 5.17
C GLU D 78 21.38 -15.40 6.20
N THR D 79 21.70 -14.18 5.82
CA THR D 79 21.54 -13.05 6.71
C THR D 79 20.11 -12.51 6.63
N VAL D 80 19.73 -11.76 7.67
CA VAL D 80 18.50 -10.98 7.68
C VAL D 80 18.92 -9.54 7.93
N PRO D 81 18.54 -8.59 7.07
CA PRO D 81 19.18 -7.26 7.12
C PRO D 81 18.98 -6.52 8.44
N PHE D 82 17.84 -6.69 9.09
CA PHE D 82 17.49 -5.89 10.26
C PHE D 82 17.74 -6.69 11.54
N THR D 83 18.19 -5.97 12.58
CA THR D 83 18.45 -6.55 13.89
C THR D 83 17.41 -6.06 14.89
N VAL D 84 17.55 -6.49 16.14
CA VAL D 84 16.66 -6.02 17.19
C VAL D 84 16.80 -4.52 17.38
N GLU D 85 18.03 -4.01 17.28
CA GLU D 85 18.22 -2.58 17.38
C GLU D 85 17.52 -1.84 16.24
N SER D 86 17.60 -2.39 15.03
CA SER D 86 16.96 -1.74 13.90
C SER D 86 15.45 -1.87 13.95
N LEU D 87 14.94 -2.96 14.53
CA LEU D 87 13.50 -3.14 14.60
C LEU D 87 12.85 -2.08 15.47
N LEU D 88 13.38 -1.89 16.68
CA LEU D 88 12.82 -0.90 17.59
C LEU D 88 13.21 0.52 17.24
N GLU D 89 14.05 0.72 16.23
CA GLU D 89 14.43 2.06 15.82
C GLU D 89 13.91 2.38 14.42
N ASP D 97 0.89 -4.55 8.70
CA ASP D 97 0.76 -5.91 9.23
C ASP D 97 0.89 -5.92 10.75
N VAL D 98 1.62 -4.95 11.31
CA VAL D 98 2.08 -5.11 12.69
C VAL D 98 2.65 -3.78 13.17
N VAL D 99 2.48 -3.49 14.47
CA VAL D 99 3.08 -2.34 15.14
C VAL D 99 4.07 -2.88 16.17
N LEU D 100 5.25 -2.29 16.21
CA LEU D 100 6.36 -2.88 16.94
C LEU D 100 6.54 -2.22 18.30
N VAL D 101 6.40 -3.01 19.35
CA VAL D 101 6.62 -2.54 20.72
C VAL D 101 7.80 -3.32 21.31
N GLY D 102 8.24 -2.86 22.48
CA GLY D 102 9.35 -3.48 23.16
C GLY D 102 10.19 -2.46 23.91
N GLY D 103 11.51 -2.67 23.91
CA GLY D 103 12.42 -1.71 24.51
C GLY D 103 13.78 -2.28 24.82
N LYS D 104 14.81 -1.43 24.82
CA LYS D 104 16.15 -1.79 25.25
C LYS D 104 16.45 -1.16 26.60
N SER D 105 17.29 -1.83 27.38
CA SER D 105 17.65 -1.34 28.70
C SER D 105 19.05 -1.80 29.07
N LEU D 106 19.66 -1.06 29.99
CA LEU D 106 20.99 -1.41 30.51
C LEU D 106 20.95 -1.25 32.03
N THR D 107 20.94 -2.37 32.73
CA THR D 107 20.85 -2.41 34.18
C THR D 107 22.19 -2.83 34.78
N THR D 108 22.62 -2.16 35.83
CA THR D 108 23.89 -2.45 36.48
C THR D 108 23.65 -2.97 37.89
N TYR D 109 24.20 -4.14 38.20
CA TYR D 109 24.12 -4.72 39.53
C TYR D 109 25.48 -4.64 40.19
N GLY D 110 25.52 -4.15 41.44
CA GLY D 110 26.76 -4.05 42.17
C GLY D 110 26.89 -5.04 43.31
N LEU D 111 27.80 -6.00 43.19
CA LEU D 111 28.03 -7.03 44.18
C LEU D 111 29.35 -6.83 44.89
N SER D 112 29.39 -7.14 46.18
CA SER D 112 30.65 -7.15 46.90
C SER D 112 31.65 -8.02 46.18
N ALA D 113 32.84 -7.45 45.92
CA ALA D 113 33.78 -8.03 44.96
C ALA D 113 34.05 -9.50 45.26
N TYR D 114 34.46 -9.80 46.49
CA TYR D 114 34.81 -11.17 46.84
C TYR D 114 33.78 -11.86 47.72
N SER D 115 33.05 -11.12 48.56
CA SER D 115 32.03 -11.75 49.39
C SER D 115 30.84 -12.20 48.56
N GLY D 116 30.42 -11.39 47.59
CA GLY D 116 29.31 -11.72 46.73
C GLY D 116 27.96 -11.21 47.17
N LYS D 117 27.89 -10.35 48.17
CA LYS D 117 26.63 -9.77 48.61
C LYS D 117 26.29 -8.57 47.74
N VAL D 118 25.00 -8.40 47.47
CA VAL D 118 24.55 -7.29 46.66
C VAL D 118 24.74 -5.98 47.41
N ARG D 119 25.33 -4.99 46.73
CA ARG D 119 25.52 -3.66 47.27
C ARG D 119 24.51 -2.67 46.72
N TYR D 120 24.28 -2.68 45.41
CA TYR D 120 23.34 -1.76 44.80
C TYR D 120 22.86 -2.33 43.47
N ILE D 121 21.70 -1.86 43.04
CA ILE D 121 21.17 -2.22 41.73
C ILE D 121 20.59 -0.96 41.09
N CYS D 122 21.00 -0.67 39.86
CA CYS D 122 20.58 0.52 39.13
C CYS D 122 20.06 0.13 37.77
N SER D 123 18.81 0.50 37.50
CA SER D 123 18.20 0.41 36.18
C SER D 123 17.71 1.80 35.81
N ALA D 124 16.88 1.87 34.77
CA ALA D 124 16.26 3.14 34.43
C ALA D 124 15.18 3.54 35.43
N LEU D 125 14.69 2.61 36.25
CA LEU D 125 13.51 2.85 37.05
C LEU D 125 13.81 3.33 38.46
N GLY D 126 15.04 3.18 38.93
CA GLY D 126 15.36 3.64 40.27
C GLY D 126 16.76 3.25 40.66
N CYS D 127 17.11 3.65 41.89
CA CYS D 127 18.41 3.36 42.50
C CYS D 127 18.16 2.90 43.93
N ARG D 128 18.44 1.63 44.19
CA ARG D 128 18.24 1.03 45.50
C ARG D 128 19.56 0.43 45.97
N GLN D 129 19.98 0.79 47.18
CA GLN D 129 21.27 0.38 47.71
C GLN D 129 21.09 -0.40 49.02
N TRP D 130 22.17 -1.07 49.43
CA TRP D 130 22.17 -1.86 50.67
C TRP D 130 23.52 -1.68 51.36
N ASP D 131 23.52 -0.93 52.45
CA ASP D 131 24.74 -0.68 53.22
C ASP D 131 25.23 -1.96 53.90
N ASP D 140 35.95 -2.43 47.12
CA ASP D 140 35.96 -3.25 45.92
C ASP D 140 34.64 -3.99 45.74
N ILE D 141 34.06 -3.85 44.55
CA ILE D 141 32.78 -4.49 44.24
C ILE D 141 32.88 -5.07 42.83
N LEU D 142 31.93 -5.94 42.52
CA LEU D 142 31.83 -6.53 41.20
C LEU D 142 30.74 -5.82 40.41
N LEU D 143 31.11 -5.32 39.23
CA LEU D 143 30.18 -4.60 38.36
C LEU D 143 29.51 -5.59 37.42
N LEU D 144 28.22 -5.85 37.63
CA LEU D 144 27.44 -6.71 36.75
C LEU D 144 26.43 -5.85 35.99
N GLN D 145 26.66 -5.69 34.69
CA GLN D 145 25.81 -4.89 33.82
C GLN D 145 25.08 -5.81 32.85
N ARG D 146 23.76 -5.76 32.87
CA ARG D 146 22.91 -6.61 32.05
C ARG D 146 22.18 -5.77 31.01
N THR D 147 22.30 -6.15 29.75
CA THR D 147 21.50 -5.58 28.69
C THR D 147 20.41 -6.56 28.30
N GLN D 148 19.22 -6.05 28.02
CA GLN D 148 18.12 -6.88 27.56
C GLN D 148 17.32 -6.11 26.53
N LYS D 149 17.06 -6.74 25.39
CA LYS D 149 16.41 -6.11 24.25
C LYS D 149 15.21 -6.95 23.87
N THR D 150 14.02 -6.52 24.26
CA THR D 150 12.79 -7.22 23.93
C THR D 150 12.03 -6.46 22.86
N VAL D 151 11.41 -7.20 21.94
CA VAL D 151 10.59 -6.61 20.88
C VAL D 151 9.41 -7.54 20.61
N ARG D 152 8.20 -6.98 20.65
CA ARG D 152 6.98 -7.73 20.40
C ARG D 152 6.35 -7.28 19.09
N ALA D 153 5.46 -8.12 18.57
CA ALA D 153 4.74 -7.85 17.35
C ALA D 153 3.26 -7.84 17.67
N VAL D 154 2.60 -6.72 17.42
CA VAL D 154 1.23 -6.47 17.85
C VAL D 154 0.37 -6.22 16.63
N GLY D 155 -0.80 -6.86 16.59
CA GLY D 155 -1.77 -6.59 15.55
C GLY D 155 -2.21 -5.14 15.57
N PRO D 156 -2.15 -4.49 14.41
CA PRO D 156 -2.41 -3.04 14.35
C PRO D 156 -3.78 -2.64 14.86
N ARG D 157 -4.83 -3.17 14.22
CA ARG D 157 -6.17 -2.87 14.70
C ARG D 157 -6.53 -3.72 15.90
N SER D 158 -6.23 -5.02 15.86
CA SER D 158 -6.58 -5.93 16.94
C SER D 158 -5.81 -5.62 18.22
N GLY D 159 -4.51 -5.85 18.22
CA GLY D 159 -3.70 -5.68 19.42
C GLY D 159 -3.15 -6.98 19.99
N ASN D 160 -3.37 -8.11 19.33
CA ASN D 160 -2.84 -9.38 19.80
C ASN D 160 -1.37 -9.50 19.43
N GLU D 161 -0.59 -10.08 20.34
CA GLU D 161 0.81 -10.35 20.05
C GLU D 161 0.91 -11.44 19.00
N LYS D 162 1.66 -11.18 17.94
CA LYS D 162 1.89 -12.15 16.87
C LYS D 162 3.19 -12.92 17.04
N TRP D 163 4.27 -12.27 17.47
CA TRP D 163 5.53 -12.94 17.77
C TRP D 163 6.37 -11.95 18.57
N ASN D 164 7.50 -12.44 19.08
CA ASN D 164 8.42 -11.56 19.79
C ASN D 164 9.81 -12.16 19.76
N PHE D 165 10.80 -11.35 20.14
CA PHE D 165 12.18 -11.80 20.26
C PHE D 165 12.78 -11.07 21.45
N SER D 166 13.19 -11.82 22.47
CA SER D 166 13.86 -11.26 23.63
C SER D 166 15.29 -11.78 23.69
N VAL D 167 16.22 -10.89 24.02
CA VAL D 167 17.64 -11.21 23.91
C VAL D 167 18.40 -10.27 24.84
N GLY D 168 19.52 -10.75 25.37
CA GLY D 168 20.32 -9.94 26.27
C GLY D 168 21.66 -10.59 26.56
N HIS D 169 22.50 -9.86 27.28
CA HIS D 169 23.82 -10.36 27.67
C HIS D 169 24.30 -9.60 28.89
N PHE D 170 25.46 -10.01 29.39
CA PHE D 170 26.10 -9.41 30.55
C PHE D 170 27.46 -8.84 30.16
N GLU D 171 27.97 -7.96 31.02
CA GLU D 171 29.29 -7.36 30.86
C GLU D 171 29.86 -7.09 32.24
N LEU D 172 31.17 -7.30 32.40
CA LEU D 172 31.82 -7.31 33.70
C LEU D 172 33.01 -6.36 33.72
N ARG D 173 33.09 -5.57 34.78
CA ARG D 173 34.24 -4.72 35.04
C ARG D 173 34.56 -4.79 36.53
N TYR D 174 35.78 -4.42 36.89
CA TYR D 174 36.21 -4.44 38.27
C TYR D 174 36.48 -3.03 38.78
N ILE D 175 36.21 -2.83 40.06
CA ILE D 175 36.34 -1.50 40.67
C ILE D 175 37.21 -1.57 41.92
N PRO D 176 38.45 -1.06 41.88
CA PRO D 176 39.32 -0.99 43.06
C PRO D 176 38.86 0.07 44.06
N SER D 202 45.48 -0.89 11.45
CA SER D 202 44.65 -1.14 12.64
C SER D 202 45.49 -1.73 13.78
N ASP D 203 44.90 -1.77 14.97
CA ASP D 203 45.59 -2.24 16.17
C ASP D 203 44.77 -3.32 16.86
N VAL D 204 45.43 -4.42 17.21
CA VAL D 204 44.79 -5.51 17.94
C VAL D 204 45.75 -5.95 19.05
N GLU D 205 45.20 -6.53 20.11
CA GLU D 205 46.02 -7.08 21.18
C GLU D 205 45.58 -8.53 21.40
N GLU D 206 45.84 -9.05 22.58
CA GLU D 206 45.38 -10.41 22.91
C GLU D 206 45.47 -10.58 24.43
N GLN D 207 45.05 -11.76 24.89
CA GLN D 207 45.23 -12.17 26.29
C GLN D 207 44.92 -13.66 26.46
N GLU D 208 45.46 -14.28 27.51
CA GLU D 208 45.05 -15.62 27.90
C GLU D 208 45.00 -15.68 29.42
N ALA D 209 43.90 -16.22 29.95
CA ALA D 209 43.61 -16.18 31.38
C ALA D 209 44.31 -17.33 32.08
N VAL D 210 45.48 -17.05 32.68
CA VAL D 210 46.26 -18.07 33.36
C VAL D 210 45.86 -18.08 34.84
N MET D 211 46.23 -19.16 35.52
CA MET D 211 45.91 -19.30 36.95
C MET D 211 46.92 -20.28 37.56
N MET D 212 48.08 -19.75 37.94
CA MET D 212 49.13 -20.51 38.62
C MET D 212 49.46 -21.78 37.84
N ASP D 213 50.20 -21.62 36.73
CA ASP D 213 50.66 -22.72 35.89
C ASP D 213 49.52 -23.47 35.22
N THR D 214 48.28 -23.05 35.42
CA THR D 214 47.13 -23.67 34.78
C THR D 214 46.29 -22.61 34.08
N VAL D 215 45.88 -22.91 32.87
CA VAL D 215 45.06 -22.01 32.07
C VAL D 215 43.64 -22.50 32.09
N ILE D 216 42.70 -21.57 31.93
CA ILE D 216 41.27 -21.86 32.03
C ILE D 216 40.62 -21.61 30.68
N LYS D 217 39.85 -22.59 30.21
CA LYS D 217 39.10 -22.49 28.97
C LYS D 217 37.72 -23.09 29.17
N VAL D 218 36.77 -22.64 28.36
CA VAL D 218 35.40 -23.12 28.45
C VAL D 218 35.06 -23.87 27.17
N SER D 219 34.52 -25.07 27.34
CA SER D 219 33.99 -25.86 26.24
C SER D 219 32.55 -25.46 26.00
N VAL D 220 32.24 -25.06 24.77
CA VAL D 220 30.95 -24.45 24.52
C VAL D 220 29.87 -25.50 24.22
N ALA D 221 30.26 -26.67 23.72
CA ALA D 221 29.30 -27.72 23.38
C ALA D 221 28.97 -28.62 24.56
N ASP D 222 29.77 -28.57 25.62
CA ASP D 222 29.52 -29.30 26.85
C ASP D 222 29.05 -28.42 27.98
N TRP D 223 29.02 -27.11 27.78
CA TRP D 223 28.65 -26.16 28.82
C TRP D 223 29.59 -26.26 30.01
N LYS D 224 30.83 -26.65 29.79
CA LYS D 224 31.79 -26.86 30.86
C LYS D 224 32.90 -25.82 30.81
N VAL D 225 33.37 -25.44 31.99
CA VAL D 225 34.54 -24.59 32.14
C VAL D 225 35.67 -25.45 32.69
N MET D 226 36.79 -25.47 31.98
CA MET D 226 37.87 -26.41 32.23
C MET D 226 39.17 -25.68 32.51
N ALA D 227 40.00 -26.27 33.36
CA ALA D 227 41.31 -25.73 33.71
C ALA D 227 42.39 -26.71 33.29
N PHE D 228 43.26 -26.29 32.38
CA PHE D 228 44.26 -27.16 31.79
C PHE D 228 45.63 -26.82 32.34
N ASN D 229 46.38 -27.85 32.74
CA ASN D 229 47.75 -27.65 33.16
C ASN D 229 48.60 -27.21 31.98
N LYS D 230 49.26 -26.05 32.11
CA LYS D 230 50.09 -25.54 31.02
C LYS D 230 51.22 -26.49 30.64
N LYS D 231 51.64 -27.36 31.56
CA LYS D 231 52.65 -28.36 31.27
C LYS D 231 51.94 -29.68 31.01
N GLY D 232 51.99 -30.15 29.76
CA GLY D 232 51.34 -31.37 29.38
C GLY D 232 49.95 -31.22 28.83
N GLY D 233 49.26 -30.14 29.18
CA GLY D 233 47.92 -29.92 28.68
C GLY D 233 46.85 -30.75 29.34
N HIS D 234 47.19 -31.47 30.41
CA HIS D 234 46.24 -32.34 31.06
C HIS D 234 45.23 -31.55 31.87
N LEU D 235 44.01 -32.05 31.91
CA LEU D 235 42.91 -31.42 32.62
C LEU D 235 42.94 -31.78 34.10
N GLU D 236 42.76 -30.77 34.95
CA GLU D 236 42.68 -31.01 36.39
C GLU D 236 41.24 -31.03 36.87
N TRP D 237 40.49 -29.97 36.61
CA TRP D 237 39.10 -29.90 37.06
C TRP D 237 38.26 -29.19 36.02
N GLU D 238 36.99 -29.58 35.97
CA GLU D 238 36.00 -28.92 35.13
C GLU D 238 34.70 -28.82 35.91
N TYR D 239 33.79 -28.00 35.40
CA TYR D 239 32.49 -27.81 36.02
C TYR D 239 31.43 -27.81 34.94
N GLN D 240 30.58 -28.83 34.92
CA GLN D 240 29.54 -28.93 33.92
C GLN D 240 28.30 -28.22 34.40
N PHE D 241 27.85 -27.23 33.63
CA PHE D 241 26.62 -26.50 33.92
C PHE D 241 25.42 -27.25 33.37
N SER D 242 24.26 -26.98 33.98
CA SER D 242 22.98 -27.52 33.55
C SER D 242 22.39 -26.75 32.38
N THR D 243 23.01 -25.64 31.99
CA THR D 243 22.49 -24.73 30.99
C THR D 243 23.69 -24.15 30.26
N PRO D 244 23.63 -24.02 28.92
CA PRO D 244 24.78 -23.51 28.15
C PRO D 244 25.34 -22.18 28.64
N ILE D 245 26.58 -21.88 28.22
CA ILE D 245 27.33 -20.71 28.70
C ILE D 245 27.30 -19.62 27.64
N ALA D 246 27.13 -18.38 28.08
CA ALA D 246 27.20 -17.23 27.19
C ALA D 246 28.56 -16.53 27.25
N SER D 247 29.06 -16.27 28.46
CA SER D 247 30.34 -15.61 28.62
C SER D 247 31.02 -16.17 29.86
N ALA D 248 32.28 -15.81 30.04
CA ALA D 248 33.01 -16.25 31.22
C ALA D 248 34.16 -15.28 31.46
N TRP D 249 34.35 -14.89 32.71
CA TRP D 249 35.43 -13.99 33.08
C TRP D 249 36.20 -14.57 34.24
N LEU D 250 37.52 -14.48 34.16
CA LEU D 250 38.40 -14.78 35.27
C LEU D 250 38.79 -13.46 35.94
N VAL D 251 38.35 -13.28 37.17
CA VAL D 251 38.71 -12.10 37.95
C VAL D 251 39.96 -12.44 38.76
N LYS D 252 41.10 -11.88 38.36
CA LYS D 252 42.40 -12.19 38.96
C LYS D 252 43.14 -10.90 39.26
N ASP D 253 43.14 -10.51 40.53
CA ASP D 253 43.95 -9.40 41.06
C ASP D 253 43.74 -8.10 40.28
N GLY D 254 42.55 -7.53 40.46
CA GLY D 254 42.22 -6.26 39.83
C GLY D 254 41.66 -6.38 38.42
N LYS D 255 42.38 -7.08 37.55
CA LYS D 255 41.88 -7.33 36.21
C LYS D 255 40.72 -8.32 36.24
N VAL D 256 39.84 -8.20 35.26
CA VAL D 256 38.89 -9.25 34.91
C VAL D 256 39.27 -9.74 33.53
N ILE D 257 39.27 -11.06 33.34
CA ILE D 257 39.82 -11.63 32.12
C ILE D 257 38.77 -12.52 31.46
N PRO D 258 38.26 -12.16 30.30
CA PRO D 258 37.34 -13.04 29.59
C PRO D 258 38.04 -14.31 29.13
N ILE D 259 37.26 -15.39 29.10
CA ILE D 259 37.72 -16.70 28.67
C ILE D 259 37.09 -17.00 27.31
N SER D 260 37.90 -17.46 26.37
CA SER D 260 37.41 -17.70 25.02
C SER D 260 36.55 -18.97 24.97
N LEU D 261 35.52 -18.92 24.12
CA LEU D 261 34.63 -20.06 23.94
C LEU D 261 35.18 -20.93 22.81
N PHE D 262 35.49 -22.18 23.12
CA PHE D 262 36.13 -23.07 22.18
C PHE D 262 35.17 -24.19 21.77
N ASP D 263 35.40 -24.72 20.57
CA ASP D 263 34.61 -25.81 20.01
C ASP D 263 35.53 -26.99 19.77
N ASP D 264 35.32 -28.06 20.53
CA ASP D 264 36.24 -29.19 20.56
C ASP D 264 35.85 -30.24 19.54
N THR D 265 36.49 -30.20 18.38
CA THR D 265 36.51 -31.34 17.48
C THR D 265 37.68 -32.27 17.76
N SER D 266 38.11 -32.38 19.02
CA SER D 266 39.34 -33.07 19.35
C SER D 266 39.10 -34.43 19.98
N ILE D 280 48.99 -33.36 25.48
CA ILE D 280 48.29 -32.98 24.26
C ILE D 280 48.72 -31.59 23.79
N VAL D 281 48.84 -31.43 22.47
CA VAL D 281 49.19 -30.14 21.89
C VAL D 281 47.92 -29.41 21.52
N GLU D 282 47.80 -28.18 21.98
CA GLU D 282 46.58 -27.38 21.85
C GLU D 282 46.71 -26.41 20.69
N ALA D 283 45.76 -26.46 19.76
CA ALA D 283 45.74 -25.61 18.57
C ALA D 283 44.40 -24.89 18.49
N ALA D 284 44.41 -23.58 18.70
CA ALA D 284 43.21 -22.76 18.65
C ALA D 284 43.23 -21.89 17.40
N ARG D 285 42.09 -21.79 16.73
CA ARG D 285 41.95 -21.01 15.51
C ARG D 285 40.74 -20.09 15.62
N GLY D 286 40.83 -18.94 14.95
CA GLY D 286 39.70 -18.05 14.80
C GLY D 286 38.60 -18.63 13.92
N ALA D 287 37.79 -17.76 13.31
CA ALA D 287 36.64 -18.20 12.54
C ALA D 287 36.85 -17.89 11.06
N THR D 288 35.86 -18.26 10.27
CA THR D 288 35.89 -18.09 8.82
C THR D 288 34.85 -17.08 8.37
N GLU D 289 35.26 -16.17 7.48
CA GLU D 289 34.39 -15.14 6.88
C GLU D 289 33.63 -14.45 8.01
N ASN D 290 32.30 -14.35 7.92
CA ASN D 290 31.49 -13.91 9.05
C ASN D 290 30.59 -15.06 9.47
N SER D 291 31.18 -16.25 9.61
CA SER D 291 30.43 -17.41 10.01
C SER D 291 29.93 -17.25 11.44
N VAL D 292 28.99 -18.11 11.82
CA VAL D 292 28.27 -17.92 13.07
C VAL D 292 27.92 -19.29 13.66
N TYR D 293 28.07 -19.41 14.97
CA TYR D 293 27.98 -20.70 15.66
C TYR D 293 26.61 -20.86 16.30
N LEU D 294 26.00 -22.02 16.09
CA LEU D 294 24.62 -22.28 16.50
C LEU D 294 24.56 -23.07 17.79
N GLY D 295 23.60 -22.74 18.64
CA GLY D 295 23.36 -23.48 19.86
C GLY D 295 21.88 -23.59 20.18
N MET D 296 21.55 -24.10 21.37
CA MET D 296 20.16 -24.24 21.77
C MET D 296 20.02 -24.08 23.28
N TYR D 297 19.00 -23.35 23.70
CA TYR D 297 18.61 -23.25 25.11
C TYR D 297 17.17 -23.73 25.26
N ARG D 298 17.00 -25.01 25.61
CA ARG D 298 15.69 -25.62 25.84
C ARG D 298 14.76 -25.36 24.65
N GLY D 299 15.19 -25.86 23.50
CA GLY D 299 14.41 -25.77 22.27
C GLY D 299 14.49 -24.44 21.56
N GLN D 300 15.17 -23.45 22.12
CA GLN D 300 15.33 -22.15 21.50
C GLN D 300 16.76 -22.02 20.99
N LEU D 301 16.91 -21.81 19.69
CA LEU D 301 18.24 -21.67 19.11
C LEU D 301 18.75 -20.24 19.25
N TYR D 302 20.06 -20.09 19.11
CA TYR D 302 20.71 -18.79 19.22
C TYR D 302 22.05 -18.87 18.49
N LEU D 303 22.78 -17.75 18.47
CA LEU D 303 24.03 -17.66 17.73
C LEU D 303 25.00 -16.72 18.44
N GLN D 304 26.29 -17.06 18.42
CA GLN D 304 27.35 -16.22 19.02
C GLN D 304 28.63 -16.38 18.20
N SER D 305 29.76 -15.97 18.78
CA SER D 305 31.07 -16.00 18.11
C SER D 305 32.12 -16.73 18.97
N SER D 306 32.31 -18.02 18.70
CA SER D 306 33.30 -18.84 19.38
C SER D 306 34.53 -19.03 18.50
N VAL D 307 35.56 -19.64 19.08
CA VAL D 307 36.78 -19.95 18.34
C VAL D 307 36.95 -21.46 18.31
N ARG D 308 37.62 -21.93 17.26
CA ARG D 308 37.82 -23.36 17.10
C ARG D 308 39.04 -23.81 17.88
N ILE D 309 39.02 -25.06 18.32
CA ILE D 309 40.08 -25.62 19.13
C ILE D 309 40.34 -27.05 18.66
N SER D 310 41.60 -27.47 18.74
CA SER D 310 41.98 -28.81 18.30
C SER D 310 43.10 -29.32 19.20
N GLU D 311 42.79 -30.33 20.01
CA GLU D 311 43.78 -31.00 20.85
C GLU D 311 44.14 -32.32 20.20
N LYS D 312 45.42 -32.47 19.82
CA LYS D 312 45.80 -33.48 18.85
C LYS D 312 46.36 -34.74 19.49
N PHE D 313 47.43 -34.62 20.28
CA PHE D 313 48.16 -35.79 20.78
C PHE D 313 47.27 -36.83 21.45
N PRO E 3 18.32 -28.78 9.41
CA PRO E 3 18.79 -27.83 10.41
C PRO E 3 19.70 -28.47 11.44
N GLN E 4 21.02 -28.45 11.22
CA GLN E 4 21.98 -29.04 12.15
C GLN E 4 22.54 -27.98 13.09
N PRO E 5 22.68 -28.29 14.39
CA PRO E 5 22.75 -27.21 15.38
C PRO E 5 24.05 -27.01 16.18
N TRP E 6 25.22 -27.14 15.57
CA TRP E 6 26.47 -26.89 16.31
C TRP E 6 27.63 -26.61 15.37
N ARG E 7 27.44 -25.75 14.37
CA ARG E 7 28.56 -25.38 13.51
C ARG E 7 28.28 -24.03 12.87
N PHE E 8 29.07 -23.68 11.86
CA PHE E 8 29.13 -22.33 11.35
C PHE E 8 28.52 -22.23 9.96
N TYR E 9 27.94 -21.07 9.66
CA TYR E 9 27.32 -20.82 8.37
C TYR E 9 27.47 -19.35 8.02
N ALA E 10 27.25 -19.04 6.75
CA ALA E 10 27.49 -17.69 6.28
C ALA E 10 26.62 -17.41 5.06
N PRO E 11 26.23 -16.15 4.83
CA PRO E 11 25.39 -15.78 3.68
C PRO E 11 26.01 -16.17 2.34
N ARG F 9 -37.30 18.27 -48.68
CA ARG F 9 -36.48 17.05 -48.68
C ARG F 9 -35.37 17.14 -47.62
N SER F 10 -34.77 18.31 -47.48
CA SER F 10 -33.64 18.47 -46.59
C SER F 10 -34.07 18.40 -45.13
N LEU F 11 -33.15 18.00 -44.28
CA LEU F 11 -33.37 17.86 -42.84
C LEU F 11 -32.28 18.56 -42.08
N VAL F 12 -32.60 18.94 -40.86
CA VAL F 12 -31.62 19.50 -39.94
C VAL F 12 -31.61 18.59 -38.70
N ILE F 13 -30.62 17.70 -38.61
CA ILE F 13 -30.50 16.79 -37.49
C ILE F 13 -29.71 17.45 -36.37
N ILE F 14 -30.28 17.42 -35.17
CA ILE F 14 -29.75 18.09 -34.00
C ILE F 14 -29.76 17.16 -32.79
N SER F 15 -28.66 17.17 -32.03
CA SER F 15 -28.49 16.25 -30.91
C SER F 15 -28.40 17.09 -29.67
N THR F 16 -29.41 17.01 -28.83
CA THR F 16 -29.46 17.72 -27.55
C THR F 16 -28.94 16.82 -26.43
N LEU F 17 -28.84 17.41 -25.24
CA LEU F 17 -28.23 16.70 -24.12
C LEU F 17 -29.16 15.74 -23.42
N ASP F 18 -30.45 15.90 -23.59
CA ASP F 18 -31.39 14.96 -23.00
C ASP F 18 -31.32 13.58 -23.65
N GLY F 19 -30.31 13.33 -24.49
CA GLY F 19 -30.21 12.10 -25.24
C GLY F 19 -31.12 12.00 -26.43
N ARG F 20 -32.09 12.91 -26.56
CA ARG F 20 -33.05 12.84 -27.65
C ARG F 20 -32.44 13.37 -28.94
N ILE F 21 -33.12 13.06 -30.03
CA ILE F 21 -32.71 13.52 -31.35
C ILE F 21 -33.94 14.01 -32.09
N ALA F 22 -33.83 15.18 -32.69
CA ALA F 22 -34.93 15.78 -33.42
C ALA F 22 -34.46 16.15 -34.81
N ALA F 23 -35.40 16.18 -35.75
CA ALA F 23 -35.15 16.62 -37.11
C ALA F 23 -35.98 17.85 -37.41
N LEU F 24 -35.38 18.82 -38.10
CA LEU F 24 -36.05 20.05 -38.48
C LEU F 24 -36.03 20.20 -39.99
N ASP F 25 -37.07 20.84 -40.52
CA ASP F 25 -37.17 21.08 -41.95
C ASP F 25 -36.60 22.46 -42.27
N PRO F 26 -35.47 22.56 -42.95
CA PRO F 26 -34.94 23.88 -43.29
C PRO F 26 -35.65 24.52 -44.48
N GLU F 27 -36.72 23.89 -44.94
CA GLU F 27 -37.52 24.43 -46.04
C GLU F 27 -38.89 24.89 -45.55
N ASN F 28 -39.11 24.92 -44.25
CA ASN F 28 -40.34 25.46 -43.69
C ASN F 28 -40.01 26.15 -42.37
N HIS F 29 -39.01 27.03 -42.42
CA HIS F 29 -38.61 27.85 -41.28
C HIS F 29 -38.24 26.99 -40.07
N GLY F 30 -37.74 25.78 -40.31
CA GLY F 30 -37.27 24.95 -39.23
C GLY F 30 -38.35 24.22 -38.47
N LYS F 31 -39.46 23.88 -39.13
CA LYS F 31 -40.50 23.13 -38.45
C LYS F 31 -39.95 21.79 -37.98
N LYS F 32 -40.40 21.35 -36.80
CA LYS F 32 -39.94 20.08 -36.25
C LYS F 32 -40.66 18.92 -36.91
N GLN F 33 -39.89 17.96 -37.41
CA GLN F 33 -40.48 16.81 -38.09
C GLN F 33 -40.84 15.72 -37.10
N TRP F 34 -39.85 15.17 -36.41
CA TRP F 34 -40.10 14.10 -35.46
C TRP F 34 -39.14 14.23 -34.30
N ASP F 35 -39.26 13.31 -33.35
CA ASP F 35 -38.36 13.20 -32.23
C ASP F 35 -37.79 11.79 -32.21
N LEU F 36 -36.66 11.64 -31.56
CA LEU F 36 -36.10 10.30 -31.38
C LEU F 36 -35.40 10.24 -30.03
N ASP F 37 -35.99 9.53 -29.09
CA ASP F 37 -35.36 9.22 -27.81
C ASP F 37 -35.02 7.75 -27.81
N VAL F 38 -33.72 7.44 -27.78
CA VAL F 38 -33.28 6.05 -27.77
C VAL F 38 -33.35 5.43 -26.38
N GLY F 39 -33.77 6.19 -25.37
CA GLY F 39 -33.92 5.64 -24.03
C GLY F 39 -32.63 5.35 -23.30
N SER F 40 -31.49 5.80 -23.83
CA SER F 40 -30.19 5.59 -23.20
C SER F 40 -29.89 6.63 -22.13
N GLY F 41 -30.90 7.36 -21.67
CA GLY F 41 -30.68 8.41 -20.72
C GLY F 41 -30.13 9.68 -21.35
N SER F 42 -29.80 10.62 -20.47
CA SER F 42 -29.20 11.87 -20.89
C SER F 42 -27.75 11.64 -21.33
N LEU F 43 -27.10 12.71 -21.79
CA LEU F 43 -25.75 12.59 -22.30
C LEU F 43 -24.67 12.73 -21.21
N VAL F 44 -24.99 13.31 -20.05
CA VAL F 44 -24.03 13.44 -18.95
C VAL F 44 -24.71 13.11 -17.65
N SER F 45 -24.01 12.38 -16.78
CA SER F 45 -24.57 12.00 -15.49
C SER F 45 -23.44 12.01 -14.46
N SER F 46 -23.81 12.30 -13.21
CA SER F 46 -22.81 12.30 -12.15
C SER F 46 -23.50 12.10 -10.82
N SER F 47 -23.39 10.91 -10.26
CA SER F 47 -23.68 10.67 -8.85
C SER F 47 -22.41 10.82 -8.03
N LEU F 48 -22.58 10.97 -6.72
CA LEU F 48 -21.48 11.36 -5.85
C LEU F 48 -21.87 11.13 -4.41
N SER F 49 -20.86 10.90 -3.57
CA SER F 49 -21.03 10.92 -2.12
C SER F 49 -19.70 11.36 -1.52
N LYS F 50 -19.70 12.50 -0.84
CA LYS F 50 -18.54 13.10 -0.18
C LYS F 50 -17.55 13.65 -1.21
N PRO F 51 -16.91 14.79 -0.92
CA PRO F 51 -15.90 15.34 -1.84
C PRO F 51 -14.79 14.38 -2.21
N GLU F 52 -14.01 14.73 -3.22
CA GLU F 52 -13.00 13.85 -3.77
C GLU F 52 -11.61 14.31 -3.35
N LYS F 57 -12.14 20.54 -6.71
CA LYS F 57 -13.31 20.35 -5.86
C LYS F 57 -14.51 19.80 -6.63
N MET F 58 -14.71 20.28 -7.86
CA MET F 58 -15.83 19.88 -8.69
C MET F 58 -15.34 19.23 -9.97
N ILE F 59 -15.78 18.00 -10.22
CA ILE F 59 -15.40 17.27 -11.41
C ILE F 59 -16.37 17.61 -12.53
N ILE F 60 -15.84 18.05 -13.66
CA ILE F 60 -16.66 18.45 -14.79
C ILE F 60 -16.28 17.60 -15.99
N PRO F 61 -17.09 16.63 -16.38
CA PRO F 61 -16.75 15.77 -17.50
C PRO F 61 -17.00 16.44 -18.84
N SER F 62 -16.31 15.95 -19.85
CA SER F 62 -16.57 16.33 -21.23
C SER F 62 -17.28 15.19 -21.95
N LEU F 63 -17.78 15.51 -23.14
CA LEU F 63 -18.55 14.54 -23.91
C LEU F 63 -17.68 13.45 -24.52
N ASP F 64 -16.38 13.70 -24.69
CA ASP F 64 -15.45 12.70 -25.19
C ASP F 64 -14.89 11.83 -24.08
N GLY F 65 -15.17 12.16 -22.82
CA GLY F 65 -14.68 11.42 -21.69
C GLY F 65 -13.71 12.20 -20.82
N ASP F 66 -13.10 13.26 -21.36
CA ASP F 66 -12.12 14.01 -20.61
C ASP F 66 -12.78 14.69 -19.41
N LEU F 67 -12.20 14.48 -18.23
CA LEU F 67 -12.69 15.11 -17.02
C LEU F 67 -11.84 16.32 -16.68
N PHE F 68 -12.46 17.29 -16.03
CA PHE F 68 -11.76 18.49 -15.63
C PHE F 68 -12.10 18.82 -14.19
N GLN F 69 -11.25 19.65 -13.59
CA GLN F 69 -11.28 19.91 -12.15
C GLN F 69 -11.33 21.41 -11.90
N TRP F 70 -12.33 21.83 -11.15
CA TRP F 70 -12.45 23.21 -10.70
C TRP F 70 -12.36 23.24 -9.18
N ASP F 71 -11.39 24.00 -8.67
CA ASP F 71 -11.27 24.22 -7.23
C ASP F 71 -12.12 25.42 -6.83
N ARG F 72 -13.03 25.22 -5.89
CA ARG F 72 -13.93 26.29 -5.49
C ARG F 72 -13.19 27.40 -4.76
N ASP F 73 -12.29 27.04 -3.85
CA ASP F 73 -11.73 28.03 -2.95
C ASP F 73 -10.77 28.97 -3.67
N ARG F 74 -10.01 28.46 -4.64
CA ARG F 74 -9.13 29.31 -5.42
C ARG F 74 -9.74 29.70 -6.76
N GLU F 75 -10.94 29.22 -7.06
CA GLU F 75 -11.70 29.61 -8.25
C GLU F 75 -10.85 29.47 -9.51
N SER F 76 -10.53 28.22 -9.82
CA SER F 76 -9.60 27.89 -10.89
C SER F 76 -10.08 26.65 -11.62
N MET F 77 -9.65 26.51 -12.86
CA MET F 77 -10.02 25.38 -13.72
C MET F 77 -8.76 24.59 -14.03
N GLU F 78 -8.74 23.32 -13.63
CA GLU F 78 -7.59 22.46 -13.86
C GLU F 78 -8.01 21.23 -14.65
N THR F 79 -7.03 20.56 -15.23
CA THR F 79 -7.28 19.32 -15.93
C THR F 79 -7.30 18.17 -14.93
N VAL F 80 -7.57 16.97 -15.44
CA VAL F 80 -7.62 15.77 -14.60
C VAL F 80 -6.75 14.69 -15.22
N PRO F 81 -5.92 14.00 -14.44
CA PRO F 81 -4.97 13.04 -15.04
C PRO F 81 -5.63 11.89 -15.77
N PHE F 82 -6.85 11.52 -15.41
CA PHE F 82 -7.54 10.38 -16.01
C PHE F 82 -8.77 10.85 -16.77
N THR F 83 -8.99 10.26 -17.94
CA THR F 83 -10.22 10.45 -18.70
C THR F 83 -11.13 9.27 -18.46
N VAL F 84 -12.42 9.44 -18.81
CA VAL F 84 -13.42 8.42 -18.51
C VAL F 84 -12.98 7.06 -19.00
N GLU F 85 -12.34 7.00 -20.17
CA GLU F 85 -11.93 5.70 -20.68
C GLU F 85 -10.70 5.16 -19.98
N SER F 86 -9.82 6.05 -19.50
CA SER F 86 -8.61 5.58 -18.82
C SER F 86 -8.96 4.89 -17.51
N LEU F 87 -10.05 5.27 -16.87
CA LEU F 87 -10.52 4.50 -15.73
C LEU F 87 -10.94 3.09 -16.11
N LEU F 88 -11.03 2.78 -17.40
CA LEU F 88 -11.43 1.46 -17.86
C LEU F 88 -10.26 0.66 -18.41
N GLU F 89 -9.03 1.12 -18.19
CA GLU F 89 -7.86 0.38 -18.65
C GLU F 89 -6.77 0.40 -17.59
N ASP F 97 -9.00 1.70 -2.23
CA ASP F 97 -9.89 2.84 -2.13
C ASP F 97 -11.19 2.54 -2.88
N VAL F 98 -11.07 2.05 -4.12
CA VAL F 98 -12.22 1.80 -4.97
C VAL F 98 -11.91 0.64 -5.91
N VAL F 99 -12.96 -0.06 -6.34
CA VAL F 99 -12.94 -0.85 -7.55
C VAL F 99 -13.87 -0.17 -8.55
N LEU F 100 -13.51 -0.20 -9.83
CA LEU F 100 -14.16 0.59 -10.85
C LEU F 100 -14.82 -0.31 -11.88
N VAL F 101 -16.15 -0.20 -12.00
CA VAL F 101 -16.93 -0.98 -12.94
C VAL F 101 -17.48 -0.05 -14.01
N GLY F 102 -18.27 -0.59 -14.93
CA GLY F 102 -18.86 0.22 -15.97
C GLY F 102 -18.82 -0.44 -17.33
N GLY F 103 -18.44 0.32 -18.34
CA GLY F 103 -18.32 -0.20 -19.69
C GLY F 103 -18.53 0.88 -20.73
N LYS F 104 -18.05 0.61 -21.93
CA LYS F 104 -18.19 1.50 -23.08
C LYS F 104 -19.18 0.88 -24.07
N SER F 105 -19.90 1.74 -24.78
CA SER F 105 -20.99 1.32 -25.63
C SER F 105 -21.06 2.16 -26.89
N LEU F 106 -21.31 1.51 -28.03
CA LEU F 106 -21.58 2.19 -29.29
C LEU F 106 -22.71 1.45 -30.00
N THR F 107 -23.89 2.04 -30.00
CA THR F 107 -25.06 1.47 -30.64
C THR F 107 -25.40 2.29 -31.88
N THR F 108 -25.75 1.61 -32.96
CA THR F 108 -26.12 2.30 -34.18
C THR F 108 -27.62 2.18 -34.40
N TYR F 109 -28.20 3.23 -34.97
CA TYR F 109 -29.62 3.29 -35.27
C TYR F 109 -29.80 3.73 -36.71
N GLY F 110 -30.43 2.90 -37.52
CA GLY F 110 -30.63 3.19 -38.92
C GLY F 110 -32.04 3.70 -39.17
N LEU F 111 -32.12 4.93 -39.69
CA LEU F 111 -33.39 5.60 -39.92
C LEU F 111 -33.58 5.87 -41.41
N SER F 112 -34.84 5.86 -41.83
CA SER F 112 -35.17 6.25 -43.19
C SER F 112 -34.77 7.70 -43.42
N ALA F 113 -34.15 7.96 -44.58
CA ALA F 113 -33.58 9.27 -44.83
C ALA F 113 -34.62 10.37 -44.68
N TYR F 114 -35.86 10.11 -45.09
CA TYR F 114 -36.92 11.12 -45.00
C TYR F 114 -37.75 10.95 -43.72
N SER F 115 -38.43 9.82 -43.58
CA SER F 115 -39.50 9.72 -42.59
C SER F 115 -38.98 9.67 -41.17
N GLY F 116 -37.74 9.20 -40.97
CA GLY F 116 -37.22 9.04 -39.64
C GLY F 116 -37.70 7.80 -38.92
N LYS F 117 -38.49 6.96 -39.58
CA LYS F 117 -38.85 5.67 -39.00
C LYS F 117 -37.61 4.81 -38.84
N VAL F 118 -37.50 4.15 -37.69
CA VAL F 118 -36.32 3.33 -37.41
C VAL F 118 -36.36 2.10 -38.30
N ARG F 119 -35.34 1.95 -39.14
CA ARG F 119 -35.25 0.75 -39.97
C ARG F 119 -34.59 -0.39 -39.21
N TYR F 120 -33.57 -0.08 -38.41
CA TYR F 120 -32.95 -1.07 -37.56
C TYR F 120 -32.19 -0.37 -36.44
N ILE F 121 -31.96 -1.11 -35.37
CA ILE F 121 -31.06 -0.70 -34.31
C ILE F 121 -30.14 -1.88 -34.02
N CYS F 122 -28.83 -1.64 -34.09
CA CYS F 122 -27.83 -2.68 -33.88
C CYS F 122 -26.94 -2.27 -32.71
N SER F 123 -26.96 -3.07 -31.66
CA SER F 123 -26.17 -2.84 -30.46
C SER F 123 -25.08 -3.89 -30.36
N ALA F 124 -24.29 -3.79 -29.30
CA ALA F 124 -23.35 -4.87 -29.00
C ALA F 124 -24.07 -6.13 -28.57
N LEU F 125 -25.35 -6.03 -28.22
CA LEU F 125 -26.13 -7.15 -27.70
C LEU F 125 -26.82 -7.93 -28.82
N GLY F 126 -27.34 -7.24 -29.82
CA GLY F 126 -28.01 -7.94 -30.91
C GLY F 126 -28.38 -6.98 -32.01
N CYS F 127 -29.17 -7.48 -32.94
CA CYS F 127 -29.59 -6.72 -34.11
C CYS F 127 -31.06 -6.98 -34.36
N ARG F 128 -31.87 -5.92 -34.30
CA ARG F 128 -33.29 -5.99 -34.58
C ARG F 128 -33.58 -5.21 -35.86
N GLN F 129 -34.54 -5.70 -36.64
CA GLN F 129 -34.89 -5.08 -37.91
C GLN F 129 -36.40 -4.96 -38.05
N TRP F 130 -36.82 -3.88 -38.71
CA TRP F 130 -38.23 -3.64 -38.98
C TRP F 130 -38.46 -3.35 -40.46
N ASP F 140 -33.03 7.45 -48.92
CA ASP F 140 -32.00 6.48 -48.59
C ASP F 140 -32.05 6.18 -47.11
N ILE F 141 -30.88 6.17 -46.46
CA ILE F 141 -30.76 5.76 -45.07
C ILE F 141 -29.99 6.81 -44.29
N LEU F 142 -30.55 7.21 -43.14
CA LEU F 142 -29.83 7.98 -42.13
C LEU F 142 -29.25 7.02 -41.10
N LEU F 143 -27.96 7.14 -40.83
CA LEU F 143 -27.26 6.26 -39.91
C LEU F 143 -26.87 7.04 -38.67
N LEU F 144 -27.38 6.63 -37.51
CA LEU F 144 -27.09 7.28 -36.24
C LEU F 144 -26.38 6.32 -35.30
N GLN F 145 -25.27 6.75 -34.74
CA GLN F 145 -24.52 5.95 -33.76
C GLN F 145 -24.35 6.76 -32.49
N ARG F 146 -24.81 6.20 -31.37
CA ARG F 146 -24.70 6.83 -30.06
C ARG F 146 -23.60 6.15 -29.28
N THR F 147 -22.60 6.91 -28.89
CA THR F 147 -21.58 6.44 -27.98
C THR F 147 -21.98 6.77 -26.55
N GLN F 148 -21.73 5.83 -25.64
CA GLN F 148 -22.04 6.03 -24.24
C GLN F 148 -20.99 5.32 -23.41
N LYS F 149 -20.32 6.06 -22.54
CA LYS F 149 -19.31 5.51 -21.66
C LYS F 149 -19.67 5.85 -20.22
N THR F 150 -19.93 4.83 -19.42
CA THR F 150 -20.23 4.99 -18.01
C THR F 150 -19.13 4.37 -17.16
N VAL F 151 -18.85 4.98 -16.01
CA VAL F 151 -17.89 4.45 -15.05
C VAL F 151 -18.43 4.72 -13.66
N ARG F 152 -18.76 3.65 -12.93
CA ARG F 152 -19.12 3.78 -11.53
C ARG F 152 -17.90 3.56 -10.65
N ALA F 153 -17.96 4.08 -9.43
CA ALA F 153 -16.91 3.89 -8.44
C ALA F 153 -17.48 3.11 -7.29
N VAL F 154 -16.97 1.91 -7.08
CA VAL F 154 -17.50 0.97 -6.12
C VAL F 154 -16.51 0.81 -4.97
N GLY F 155 -17.03 0.77 -3.75
CA GLY F 155 -16.21 0.41 -2.61
C GLY F 155 -15.67 -0.99 -2.77
N PRO F 156 -14.37 -1.18 -2.51
CA PRO F 156 -13.74 -2.48 -2.75
C PRO F 156 -14.41 -3.62 -2.02
N ARG F 157 -14.43 -3.55 -0.68
CA ARG F 157 -15.09 -4.59 0.10
C ARG F 157 -16.60 -4.45 0.07
N SER F 158 -17.09 -3.22 -0.05
CA SER F 158 -18.52 -2.95 0.11
C SER F 158 -19.32 -3.44 -1.09
N GLY F 159 -19.04 -2.89 -2.26
CA GLY F 159 -19.88 -3.09 -3.42
C GLY F 159 -20.86 -1.96 -3.69
N ASN F 160 -20.80 -0.89 -2.89
CA ASN F 160 -21.68 0.26 -3.03
C ASN F 160 -21.01 1.34 -3.86
N GLU F 161 -21.81 1.96 -4.74
CA GLU F 161 -21.30 3.05 -5.58
C GLU F 161 -21.11 4.31 -4.75
N LYS F 162 -19.96 4.95 -4.95
CA LYS F 162 -19.67 6.22 -4.30
C LYS F 162 -19.73 7.40 -5.25
N TRP F 163 -19.49 7.18 -6.54
CA TRP F 163 -19.72 8.18 -7.57
C TRP F 163 -19.74 7.50 -8.92
N ASN F 164 -20.24 8.20 -9.93
CA ASN F 164 -20.24 7.69 -11.28
C ASN F 164 -20.14 8.86 -12.25
N PHE F 165 -19.84 8.53 -13.51
CA PHE F 165 -19.75 9.55 -14.56
C PHE F 165 -20.14 8.88 -15.87
N SER F 166 -21.36 9.14 -16.32
CA SER F 166 -21.82 8.63 -17.61
C SER F 166 -21.74 9.76 -18.63
N VAL F 167 -21.28 9.45 -19.82
CA VAL F 167 -20.97 10.47 -20.82
C VAL F 167 -21.18 9.86 -22.20
N GLY F 168 -21.76 10.65 -23.12
CA GLY F 168 -21.99 10.17 -24.46
C GLY F 168 -22.01 11.28 -25.50
N HIS F 169 -22.17 10.88 -26.75
CA HIS F 169 -22.27 11.83 -27.86
C HIS F 169 -22.86 11.12 -29.07
N PHE F 170 -23.30 11.90 -30.04
CA PHE F 170 -23.90 11.42 -31.27
C PHE F 170 -23.02 11.74 -32.47
N GLU F 171 -23.29 11.04 -33.56
CA GLU F 171 -22.57 11.21 -34.82
C GLU F 171 -23.45 10.69 -35.94
N LEU F 172 -23.49 11.43 -37.05
CA LEU F 172 -24.44 11.20 -38.13
C LEU F 172 -23.71 10.98 -39.46
N ARG F 173 -24.19 10.01 -40.23
CA ARG F 173 -23.72 9.78 -41.59
C ARG F 173 -24.88 9.32 -42.45
N TYR F 174 -24.70 9.42 -43.77
CA TYR F 174 -25.75 9.13 -44.73
C TYR F 174 -25.38 7.90 -45.54
N ILE F 175 -26.40 7.08 -45.84
CA ILE F 175 -26.18 5.81 -46.54
C ILE F 175 -27.08 5.72 -47.76
N PRO F 176 -26.60 6.03 -48.96
CA PRO F 176 -27.37 5.88 -50.19
C PRO F 176 -27.61 4.42 -50.57
N SER F 202 0.53 17.52 -43.84
CA SER F 202 -0.31 18.42 -43.06
C SER F 202 -1.30 19.17 -43.96
N ASP F 203 -2.59 18.85 -43.85
CA ASP F 203 -3.61 19.50 -44.65
C ASP F 203 -4.92 19.54 -43.88
N VAL F 204 -5.58 20.69 -43.89
CA VAL F 204 -6.84 20.90 -43.19
C VAL F 204 -7.86 21.38 -44.21
N GLU F 205 -9.15 21.15 -43.91
CA GLU F 205 -10.20 21.61 -44.80
C GLU F 205 -11.26 22.41 -44.06
N GLU F 206 -12.41 22.63 -44.69
CA GLU F 206 -13.53 23.33 -44.08
C GLU F 206 -14.77 23.14 -44.93
N GLN F 207 -15.86 23.76 -44.50
CA GLN F 207 -17.16 23.71 -45.17
C GLN F 207 -18.15 24.58 -44.40
N GLU F 208 -19.06 25.22 -45.12
CA GLU F 208 -20.06 26.07 -44.49
C GLU F 208 -21.42 25.43 -44.74
N ALA F 209 -22.34 25.68 -43.80
CA ALA F 209 -23.67 25.06 -43.82
C ALA F 209 -24.71 25.99 -44.47
N VAL F 210 -24.65 26.07 -45.79
CA VAL F 210 -25.51 26.96 -46.55
C VAL F 210 -26.71 26.19 -47.09
N MET F 211 -27.78 26.92 -47.38
CA MET F 211 -28.98 26.31 -47.94
C MET F 211 -29.90 27.43 -48.42
N MET F 212 -30.14 27.44 -49.73
CA MET F 212 -31.07 28.35 -50.40
C MET F 212 -30.84 29.78 -49.91
N ASP F 213 -29.72 30.32 -50.38
CA ASP F 213 -29.23 31.66 -50.13
C ASP F 213 -29.30 32.04 -48.65
N THR F 214 -29.41 31.05 -47.75
CA THR F 214 -29.36 31.28 -46.32
C THR F 214 -28.37 30.31 -45.70
N VAL F 215 -27.73 30.72 -44.62
CA VAL F 215 -26.81 29.87 -43.89
C VAL F 215 -27.40 29.60 -42.52
N ILE F 216 -27.15 28.41 -41.99
CA ILE F 216 -27.72 27.95 -40.73
C ILE F 216 -26.61 27.78 -39.71
N LYS F 217 -26.84 28.30 -38.51
CA LYS F 217 -25.85 28.27 -37.44
C LYS F 217 -26.55 28.00 -36.12
N VAL F 218 -25.77 27.52 -35.15
CA VAL F 218 -26.29 27.19 -33.82
C VAL F 218 -25.61 28.10 -32.81
N SER F 219 -26.42 28.79 -32.01
CA SER F 219 -25.94 29.55 -30.86
C SER F 219 -25.97 28.61 -29.66
N VAL F 220 -24.79 28.26 -29.14
CA VAL F 220 -24.72 27.17 -28.19
C VAL F 220 -25.21 27.61 -26.82
N ALA F 221 -25.13 28.90 -26.52
CA ALA F 221 -25.59 29.40 -25.23
C ALA F 221 -27.09 29.64 -25.21
N ASP F 222 -27.72 29.75 -26.37
CA ASP F 222 -29.16 29.90 -26.50
C ASP F 222 -29.86 28.60 -26.88
N TRP F 223 -29.10 27.57 -27.22
CA TRP F 223 -29.65 26.29 -27.66
C TRP F 223 -30.49 26.44 -28.92
N LYS F 224 -30.23 27.50 -29.68
CA LYS F 224 -31.04 27.88 -30.83
C LYS F 224 -30.34 27.52 -32.13
N VAL F 225 -31.12 26.99 -33.06
CA VAL F 225 -30.69 26.79 -34.44
C VAL F 225 -31.22 27.96 -35.25
N MET F 226 -30.32 28.75 -35.81
CA MET F 226 -30.68 29.99 -36.49
C MET F 226 -30.29 29.92 -37.96
N ALA F 227 -31.12 30.53 -38.81
CA ALA F 227 -30.83 30.62 -40.24
C ALA F 227 -30.83 32.08 -40.65
N PHE F 228 -29.78 32.50 -41.34
CA PHE F 228 -29.64 33.88 -41.76
C PHE F 228 -29.47 33.94 -43.27
N ASN F 229 -30.18 34.87 -43.89
CA ASN F 229 -29.94 35.14 -45.29
C ASN F 229 -28.52 35.67 -45.46
N LYS F 230 -27.72 35.00 -46.31
CA LYS F 230 -26.32 35.35 -46.45
C LYS F 230 -26.12 36.78 -46.95
N LYS F 231 -27.03 37.28 -47.79
CA LYS F 231 -27.00 38.68 -48.18
C LYS F 231 -27.77 39.48 -47.13
N GLY F 232 -27.07 40.36 -46.40
CA GLY F 232 -27.70 41.15 -45.36
C GLY F 232 -27.38 40.62 -43.98
N GLY F 233 -27.38 39.30 -43.86
CA GLY F 233 -27.06 38.64 -42.62
C GLY F 233 -28.18 38.62 -41.60
N HIS F 234 -29.33 39.21 -41.90
CA HIS F 234 -30.38 39.29 -40.91
C HIS F 234 -31.05 37.93 -40.73
N LEU F 235 -31.59 37.72 -39.54
CA LEU F 235 -32.16 36.43 -39.16
C LEU F 235 -33.39 36.11 -40.01
N GLU F 236 -33.52 34.83 -40.38
CA GLU F 236 -34.64 34.36 -41.18
C GLU F 236 -35.60 33.50 -40.37
N TRP F 237 -35.11 32.44 -39.73
CA TRP F 237 -35.95 31.65 -38.84
C TRP F 237 -35.08 31.04 -37.74
N GLU F 238 -35.75 30.51 -36.72
CA GLU F 238 -35.05 30.00 -35.55
C GLU F 238 -35.90 28.97 -34.84
N TYR F 239 -35.26 28.15 -34.02
CA TYR F 239 -35.91 27.13 -33.21
C TYR F 239 -35.10 26.93 -31.96
N GLN F 240 -35.74 27.04 -30.81
CA GLN F 240 -35.07 26.85 -29.53
C GLN F 240 -35.46 25.50 -28.93
N PHE F 241 -34.49 24.83 -28.31
CA PHE F 241 -34.70 23.53 -27.72
C PHE F 241 -34.88 23.61 -26.21
N SER F 242 -35.59 22.64 -25.66
CA SER F 242 -35.80 22.58 -24.22
C SER F 242 -34.52 22.26 -23.48
N THR F 243 -33.50 21.78 -24.19
CA THR F 243 -32.30 21.22 -23.63
C THR F 243 -31.13 21.76 -24.45
N PRO F 244 -30.01 22.08 -23.81
CA PRO F 244 -28.86 22.60 -24.56
C PRO F 244 -28.50 21.70 -25.74
N ILE F 245 -27.92 22.32 -26.77
CA ILE F 245 -27.54 21.64 -27.99
C ILE F 245 -26.07 21.29 -27.92
N ALA F 246 -25.73 20.06 -28.33
CA ALA F 246 -24.35 19.61 -28.41
C ALA F 246 -23.86 19.48 -29.84
N SER F 247 -24.63 18.82 -30.71
CA SER F 247 -24.23 18.63 -32.09
C SER F 247 -25.43 18.87 -33.00
N ALA F 248 -25.14 19.27 -34.23
CA ALA F 248 -26.20 19.49 -35.20
C ALA F 248 -25.65 19.17 -36.58
N TRP F 249 -26.51 18.64 -37.43
CA TRP F 249 -26.14 18.32 -38.79
C TRP F 249 -27.25 18.76 -39.73
N LEU F 250 -26.84 19.20 -40.92
CA LEU F 250 -27.77 19.52 -42.00
C LEU F 250 -27.62 18.46 -43.07
N VAL F 251 -28.71 17.75 -43.36
CA VAL F 251 -28.74 16.71 -44.37
C VAL F 251 -29.31 17.32 -45.65
N LYS F 252 -28.46 17.49 -46.66
CA LYS F 252 -28.88 18.07 -47.92
C LYS F 252 -28.32 17.28 -49.08
N ASP F 253 -29.20 16.69 -49.89
CA ASP F 253 -28.82 15.99 -51.11
C ASP F 253 -27.75 14.93 -50.86
N GLY F 254 -28.01 14.08 -49.86
CA GLY F 254 -27.11 13.01 -49.53
C GLY F 254 -26.01 13.44 -48.59
N LYS F 255 -25.18 14.39 -49.03
CA LYS F 255 -24.10 14.89 -48.20
C LYS F 255 -24.62 15.43 -46.88
N VAL F 256 -23.90 15.15 -45.79
CA VAL F 256 -24.27 15.62 -44.46
C VAL F 256 -23.26 16.67 -44.01
N ILE F 257 -23.74 17.66 -43.29
CA ILE F 257 -22.92 18.78 -42.87
C ILE F 257 -23.00 18.94 -41.36
N PRO F 258 -21.89 18.90 -40.62
CA PRO F 258 -21.95 19.30 -39.20
C PRO F 258 -22.02 20.82 -39.11
N ILE F 259 -22.92 21.31 -38.28
CA ILE F 259 -23.10 22.74 -38.09
C ILE F 259 -22.28 23.15 -36.86
N SER F 260 -21.28 24.00 -37.09
CA SER F 260 -20.46 24.48 -35.99
C SER F 260 -21.32 25.28 -35.02
N LEU F 261 -21.04 25.11 -33.73
CA LEU F 261 -21.79 25.75 -32.68
C LEU F 261 -21.02 26.96 -32.18
N PHE F 262 -21.71 28.07 -31.97
CA PHE F 262 -21.09 29.35 -31.71
C PHE F 262 -21.51 29.88 -30.35
N ASP F 263 -20.64 30.70 -29.77
CA ASP F 263 -20.95 31.41 -28.53
C ASP F 263 -20.83 32.90 -28.84
N ASP F 264 -21.98 33.57 -29.01
CA ASP F 264 -22.01 34.92 -29.56
C ASP F 264 -21.57 35.93 -28.53
N THR F 265 -20.37 36.46 -28.72
CA THR F 265 -19.82 37.50 -27.87
C THR F 265 -20.27 38.89 -28.29
N SER F 266 -21.26 38.99 -29.18
CA SER F 266 -21.71 40.27 -29.68
C SER F 266 -22.30 41.13 -28.57
N ILE F 280 -24.17 40.45 -42.03
CA ILE F 280 -24.25 41.20 -40.79
C ILE F 280 -22.84 41.58 -40.33
N VAL F 281 -21.88 41.40 -41.24
CA VAL F 281 -20.46 41.52 -40.92
C VAL F 281 -20.18 40.63 -39.72
N GLU F 282 -20.16 39.33 -39.96
CA GLU F 282 -20.08 38.33 -38.90
C GLU F 282 -18.63 37.89 -38.74
N ALA F 283 -18.17 37.85 -37.49
CA ALA F 283 -16.75 37.61 -37.18
C ALA F 283 -16.61 36.36 -36.32
N ALA F 284 -16.37 35.23 -36.97
CA ALA F 284 -16.08 33.98 -36.28
C ALA F 284 -14.58 33.83 -36.08
N ARG F 285 -14.19 33.23 -34.95
CA ARG F 285 -12.78 33.06 -34.63
C ARG F 285 -12.56 31.69 -34.03
N GLY F 286 -11.29 31.32 -33.92
CA GLY F 286 -10.90 30.09 -33.27
C GLY F 286 -11.01 30.19 -31.76
N ALA F 287 -10.43 29.19 -31.08
CA ALA F 287 -10.54 29.06 -29.62
C ALA F 287 -9.17 28.76 -28.97
N THR F 288 -8.33 29.77 -28.90
CA THR F 288 -7.15 29.86 -28.03
C THR F 288 -6.25 28.64 -28.17
N GLU F 289 -5.57 28.28 -27.07
CA GLU F 289 -4.61 27.18 -27.04
C GLU F 289 -5.32 25.90 -26.57
N ASN F 290 -5.68 25.85 -25.29
CA ASN F 290 -6.37 24.70 -24.72
C ASN F 290 -7.54 25.16 -23.85
N SER F 291 -8.46 25.97 -24.42
CA SER F 291 -9.63 26.39 -23.67
C SER F 291 -10.77 25.39 -23.85
N VAL F 292 -11.78 25.53 -23.00
CA VAL F 292 -12.94 24.64 -22.97
C VAL F 292 -14.18 25.47 -22.67
N TYR F 293 -15.24 25.26 -23.43
CA TYR F 293 -16.49 26.00 -23.25
C TYR F 293 -17.39 25.30 -22.26
N LEU F 294 -18.02 26.08 -21.37
CA LEU F 294 -18.76 25.54 -20.25
C LEU F 294 -20.26 25.65 -20.49
N GLY F 295 -20.97 24.53 -20.32
CA GLY F 295 -22.41 24.50 -20.44
C GLY F 295 -23.02 23.76 -19.27
N MET F 296 -24.34 23.90 -19.13
CA MET F 296 -25.07 23.33 -18.02
C MET F 296 -26.31 22.60 -18.52
N TYR F 297 -26.55 21.40 -18.02
CA TYR F 297 -27.77 20.64 -18.31
C TYR F 297 -28.40 20.20 -17.00
N ARG F 298 -29.52 20.84 -16.64
CA ARG F 298 -30.29 20.51 -15.44
C ARG F 298 -29.37 20.31 -14.23
N GLY F 299 -28.60 21.36 -13.94
CA GLY F 299 -27.70 21.34 -12.81
C GLY F 299 -26.42 20.54 -13.01
N GLN F 300 -26.26 19.89 -14.15
CA GLN F 300 -25.05 19.14 -14.45
C GLN F 300 -24.23 19.91 -15.48
N LEU F 301 -22.94 20.04 -15.22
CA LEU F 301 -22.03 20.79 -16.07
C LEU F 301 -21.24 19.86 -16.99
N TYR F 302 -20.71 20.44 -18.05
CA TYR F 302 -20.01 19.71 -19.11
C TYR F 302 -19.19 20.70 -19.91
N LEU F 303 -18.45 20.19 -20.90
CA LEU F 303 -17.64 21.04 -21.77
C LEU F 303 -17.81 20.60 -23.22
N GLN F 304 -17.77 21.57 -24.13
CA GLN F 304 -17.90 21.29 -25.57
C GLN F 304 -16.81 21.96 -26.39
N SER F 305 -16.96 22.00 -27.74
CA SER F 305 -16.01 22.64 -28.66
C SER F 305 -16.71 23.68 -29.53
N SER F 306 -17.08 24.81 -28.92
CA SER F 306 -17.71 25.92 -29.61
C SER F 306 -16.65 26.84 -30.24
N VAL F 307 -17.11 27.76 -31.08
CA VAL F 307 -16.25 28.75 -31.72
C VAL F 307 -16.72 30.14 -31.32
N ARG F 308 -15.78 31.07 -31.25
CA ARG F 308 -16.09 32.44 -30.89
C ARG F 308 -16.76 33.15 -32.07
N ILE F 309 -17.60 34.14 -31.74
CA ILE F 309 -18.33 34.86 -32.77
C ILE F 309 -18.81 36.20 -32.24
N SER F 310 -18.59 37.27 -33.00
CA SER F 310 -19.03 38.60 -32.63
C SER F 310 -19.82 39.22 -33.77
N GLU F 311 -20.89 39.92 -33.43
CA GLU F 311 -21.74 40.60 -34.41
C GLU F 311 -21.78 42.09 -34.06
N LYS F 312 -21.72 42.93 -35.10
CA LYS F 312 -21.37 44.33 -34.92
C LYS F 312 -22.55 45.24 -35.22
N PHE F 313 -22.74 45.67 -36.47
CA PHE F 313 -23.69 46.73 -36.81
C PHE F 313 -25.13 46.35 -36.54
N PRO G 3 -19.94 27.92 -9.06
CA PRO G 3 -18.81 28.38 -9.88
C PRO G 3 -19.17 29.57 -10.77
N GLN G 4 -19.31 29.35 -12.08
CA GLN G 4 -19.34 30.42 -13.07
C GLN G 4 -20.48 30.24 -14.08
N PRO G 5 -20.51 30.98 -15.24
CA PRO G 5 -21.64 30.83 -16.17
C PRO G 5 -21.37 30.03 -17.45
N TRP G 6 -21.46 30.72 -18.59
CA TRP G 6 -21.45 30.09 -19.90
C TRP G 6 -20.30 30.60 -20.76
N ARG G 7 -19.09 30.61 -20.22
CA ARG G 7 -17.92 31.11 -20.93
C ARG G 7 -16.90 30.00 -21.10
N PHE G 8 -15.89 30.27 -21.93
CA PHE G 8 -14.70 29.44 -21.93
C PHE G 8 -13.85 29.76 -20.71
N TYR G 9 -12.99 28.83 -20.31
CA TYR G 9 -12.02 29.08 -19.24
C TYR G 9 -10.83 28.14 -19.39
N ALA G 10 -9.79 28.41 -18.60
CA ALA G 10 -8.52 27.69 -18.66
C ALA G 10 -7.73 28.00 -17.38
N PRO G 11 -6.74 27.16 -17.03
CA PRO G 11 -5.86 27.36 -15.86
C PRO G 11 -4.89 28.52 -16.07
#